data_4NND
#
_entry.id   4NND
#
_cell.length_a   74.102
_cell.length_b   95.284
_cell.length_c   88.161
_cell.angle_alpha   90.00
_cell.angle_beta   94.02
_cell.angle_gamma   90.00
#
_symmetry.space_group_name_H-M   'P 1 21 1'
#
loop_
_entity.id
_entity.type
_entity.pdbx_description
1 polymer 'Tyrosine-protein phosphatase non-receptor type 18'
2 polymer 'Receptor tyrosine-protein kinase erbB-2'
3 water water
#
loop_
_entity_poly.entity_id
_entity_poly.type
_entity_poly.pdbx_seq_one_letter_code
_entity_poly.pdbx_strand_id
1 'polypeptide(L)'
;DSARSFLERLEARGGREGAVLAGEFSDIQACSAAWKADGVCSTVAGSRPENVRKNRYKDVLPYDQTRVILSLLQEEGHSD
YINGNFIRGVDGSLAYIATQGPLPHTLLDFWRLVWEFGVKVILMACREIENGRKRCERYWAQEQEPLQTGLFCITLIKEK
WLNEDIMLRTLKVTFQKESRSVYQLQYMSWPDRGVPSSPDHMLAMVEEARRLQGSGPEPLCVHSSAGCGRTGVLCTVDYV
RQLLLTQMIPPDFSLFDVVLKMRKQRPAAVQTEEQYRFLYHTVAQMFCST
;
A,B,D,G
2 'polypeptide(L)' LQR(PTR)SE F,C,E,H
#
# COMPACT_ATOMS: atom_id res chain seq x y z
N ASP A 1 15.44 0.64 4.91
CA ASP A 1 16.88 0.70 4.75
C ASP A 1 17.46 -0.69 4.89
N SER A 2 17.20 -1.38 5.97
CA SER A 2 17.76 -2.70 6.24
C SER A 2 17.38 -3.79 5.27
N ALA A 3 16.15 -3.74 4.78
CA ALA A 3 15.74 -4.69 3.79
C ALA A 3 16.39 -4.31 2.50
N ARG A 4 16.51 -3.02 2.30
CA ARG A 4 17.14 -2.47 1.13
C ARG A 4 18.59 -2.86 1.04
N SER A 5 19.33 -2.74 2.11
CA SER A 5 20.73 -3.07 2.07
C SER A 5 20.96 -4.57 1.88
N PHE A 6 20.07 -5.39 2.38
CA PHE A 6 20.12 -6.81 2.16
C PHE A 6 20.08 -7.19 0.69
N LEU A 7 19.37 -6.44 -0.12
CA LEU A 7 19.21 -6.76 -1.52
C LEU A 7 20.36 -6.22 -2.31
N GLU A 8 20.98 -5.21 -1.78
CA GLU A 8 22.15 -4.61 -2.31
C GLU A 8 23.31 -5.54 -2.18
N ARG A 9 23.36 -6.25 -1.08
CA ARG A 9 24.42 -7.17 -0.77
C ARG A 9 24.23 -8.38 -1.59
N LEU A 10 22.98 -8.69 -1.89
CA LEU A 10 22.63 -9.77 -2.77
C LEU A 10 23.08 -9.48 -4.20
N GLU A 11 22.86 -8.26 -4.60
CA GLU A 11 23.23 -7.78 -5.89
C GLU A 11 24.71 -7.61 -6.05
N ALA A 12 25.40 -7.20 -5.01
CA ALA A 12 26.83 -7.13 -5.04
C ALA A 12 27.41 -8.53 -5.04
N ARG A 13 26.60 -9.46 -4.57
CA ARG A 13 26.85 -10.88 -4.60
C ARG A 13 27.69 -11.37 -3.43
N ALA A 19 26.38 -17.40 -8.28
CA ALA A 19 25.11 -17.57 -7.65
C ALA A 19 25.25 -18.65 -6.61
N VAL A 20 26.43 -18.70 -5.99
CA VAL A 20 26.89 -19.75 -5.07
C VAL A 20 27.45 -19.28 -3.70
N LEU A 21 26.69 -19.32 -2.62
CA LEU A 21 25.42 -20.02 -2.50
C LEU A 21 25.49 -21.53 -2.32
N ALA A 22 26.13 -22.24 -3.23
CA ALA A 22 26.55 -23.62 -3.03
C ALA A 22 27.70 -23.62 -2.09
N GLY A 23 28.51 -22.59 -2.14
CA GLY A 23 29.56 -22.39 -1.19
C GLY A 23 29.02 -22.16 0.18
N GLU A 24 28.00 -21.33 0.29
CA GLU A 24 27.44 -20.93 1.56
C GLU A 24 26.73 -22.07 2.25
N PHE A 25 26.09 -22.93 1.50
CA PHE A 25 25.38 -24.04 2.05
C PHE A 25 26.30 -25.18 2.40
N SER A 26 27.36 -25.33 1.64
CA SER A 26 28.39 -26.26 1.99
C SER A 26 29.07 -25.82 3.26
N ASP A 27 29.04 -24.55 3.58
CA ASP A 27 29.59 -24.06 4.82
C ASP A 27 28.66 -24.31 5.97
N ILE A 28 27.37 -24.34 5.72
CA ILE A 28 26.34 -24.71 6.69
C ILE A 28 26.50 -26.17 7.10
N GLN A 29 26.81 -27.01 6.14
CA GLN A 29 27.06 -28.39 6.38
C GLN A 29 28.31 -28.68 7.19
N ALA A 30 29.40 -27.99 6.92
CA ALA A 30 30.57 -28.03 7.75
C ALA A 30 30.36 -27.66 9.20
N CYS A 31 29.43 -26.77 9.47
CA CYS A 31 29.18 -26.28 10.81
C CYS A 31 28.37 -27.24 11.59
N SER A 32 27.44 -27.87 10.93
CA SER A 32 26.71 -29.00 11.44
C SER A 32 27.53 -30.20 11.84
N ALA A 33 28.46 -30.59 11.00
CA ALA A 33 29.35 -31.69 11.24
C ALA A 33 30.26 -31.44 12.42
N ALA A 34 30.74 -30.23 12.54
CA ALA A 34 31.45 -29.75 13.70
C ALA A 34 30.71 -29.68 15.05
N TRP A 35 29.45 -29.32 15.07
CA TRP A 35 28.68 -29.29 16.29
C TRP A 35 28.50 -30.64 16.81
N LYS A 36 28.41 -31.58 15.92
CA LYS A 36 28.39 -32.98 16.27
C LYS A 36 29.76 -33.48 16.68
N ALA A 37 30.82 -33.11 15.99
CA ALA A 37 32.15 -33.47 16.49
C ALA A 37 32.40 -32.92 17.92
N ASP A 38 31.97 -31.68 18.16
CA ASP A 38 32.18 -30.99 19.43
C ASP A 38 31.20 -31.42 20.53
N GLY A 39 30.22 -32.24 20.18
CA GLY A 39 29.25 -32.69 21.14
C GLY A 39 28.28 -31.62 21.61
N VAL A 40 28.22 -30.49 20.89
CA VAL A 40 27.28 -29.44 21.28
C VAL A 40 25.89 -29.80 20.79
N CYS A 41 25.85 -30.71 19.81
CA CYS A 41 24.59 -31.28 19.33
C CYS A 41 24.65 -32.80 19.44
N SER A 42 23.95 -33.38 20.42
CA SER A 42 23.96 -34.83 20.60
C SER A 42 22.59 -35.51 20.46
N THR A 43 22.60 -36.83 20.27
CA THR A 43 21.36 -37.55 19.99
C THR A 43 21.19 -38.75 20.91
N VAL A 44 21.45 -38.56 22.21
CA VAL A 44 21.48 -39.65 23.19
C VAL A 44 20.07 -40.21 23.51
N ALA A 45 19.13 -39.32 23.83
CA ALA A 45 17.75 -39.75 24.09
C ALA A 45 17.09 -40.46 22.88
N GLY A 46 17.32 -39.93 21.69
CA GLY A 46 16.84 -40.55 20.48
C GLY A 46 17.43 -41.93 20.17
N SER A 47 18.63 -42.22 20.68
CA SER A 47 19.28 -43.51 20.40
C SER A 47 18.94 -44.56 21.44
N ARG A 48 18.34 -44.16 22.56
CA ARG A 48 17.98 -45.11 23.60
C ARG A 48 17.15 -46.23 22.98
N PRO A 49 17.42 -47.48 23.36
CA PRO A 49 16.68 -48.64 22.85
C PRO A 49 15.16 -48.54 23.03
N GLU A 50 14.68 -47.89 24.09
CA GLU A 50 13.23 -47.74 24.26
C GLU A 50 12.63 -46.68 23.31
N ASN A 51 13.47 -45.91 22.62
CA ASN A 51 12.97 -44.82 21.77
C ASN A 51 13.18 -45.05 20.30
N VAL A 52 14.11 -45.92 19.92
CA VAL A 52 14.44 -46.09 18.50
C VAL A 52 13.22 -46.37 17.63
N ARG A 53 12.30 -47.22 18.10
CA ARG A 53 11.15 -47.55 17.27
C ARG A 53 10.27 -46.32 17.03
N LYS A 54 10.52 -45.21 17.74
CA LYS A 54 9.65 -44.04 17.65
C LYS A 54 10.18 -43.06 16.61
N ASN A 55 11.33 -43.41 16.07
CA ASN A 55 11.91 -42.61 15.00
C ASN A 55 11.53 -43.18 13.66
N ARG A 56 10.94 -42.33 12.80
CA ARG A 56 10.60 -42.69 11.44
C ARG A 56 11.87 -43.08 10.64
N TYR A 57 12.94 -42.34 10.82
CA TYR A 57 14.20 -42.60 10.11
C TYR A 57 15.39 -42.81 11.04
N LYS A 58 16.22 -43.82 10.75
CA LYS A 58 17.38 -44.10 11.55
C LYS A 58 18.40 -42.97 11.58
N ASP A 59 18.44 -42.18 10.52
CA ASP A 59 19.43 -41.11 10.41
C ASP A 59 18.87 -39.72 10.75
N VAL A 60 17.68 -39.68 11.33
CA VAL A 60 17.12 -38.41 11.81
C VAL A 60 16.73 -38.49 13.30
N LEU A 61 17.58 -37.96 14.14
CA LEU A 61 17.35 -37.98 15.59
C LEU A 61 17.34 -36.55 16.07
N PRO A 62 16.46 -36.25 17.05
CA PRO A 62 16.39 -34.92 17.65
C PRO A 62 17.60 -34.61 18.54
N TYR A 63 18.06 -33.37 18.54
CA TYR A 63 19.16 -32.97 19.42
C TYR A 63 18.70 -32.92 20.88
N ASP A 64 19.49 -33.50 21.77
CA ASP A 64 19.17 -33.46 23.19
C ASP A 64 18.92 -32.04 23.69
N GLN A 65 19.69 -31.09 23.15
CA GLN A 65 19.75 -29.73 23.70
C GLN A 65 18.42 -28.99 23.59
N THR A 66 17.58 -29.35 22.62
CA THR A 66 16.37 -28.60 22.31
C THR A 66 15.18 -29.50 22.06
N ARG A 67 15.26 -30.76 22.45
CA ARG A 67 14.16 -31.70 22.16
C ARG A 67 12.92 -31.39 22.97
N VAL A 68 11.79 -31.71 22.37
CA VAL A 68 10.50 -31.57 23.02
C VAL A 68 10.39 -32.65 24.07
N ILE A 69 10.13 -32.24 25.29
CA ILE A 69 10.01 -33.19 26.39
C ILE A 69 8.55 -33.31 26.84
N LEU A 70 7.98 -34.51 26.74
CA LEU A 70 6.56 -34.74 27.04
C LEU A 70 6.31 -35.18 28.47
N SER A 71 5.57 -34.41 29.25
CA SER A 71 5.32 -34.76 30.63
C SER A 71 3.85 -35.13 30.89
N LEU A 72 3.03 -35.07 29.86
CA LEU A 72 1.60 -35.28 30.02
C LEU A 72 1.33 -36.78 30.03
N LEU A 73 0.59 -37.24 31.03
CA LEU A 73 0.32 -38.67 31.22
C LEU A 73 1.54 -39.40 31.77
N GLN A 74 2.49 -38.61 32.27
CA GLN A 74 3.77 -39.09 32.73
C GLN A 74 3.59 -39.98 33.98
N GLU A 75 2.68 -39.56 34.87
CA GLU A 75 2.31 -40.35 36.03
C GLU A 75 1.82 -41.75 35.63
N GLU A 76 1.30 -41.90 34.41
CA GLU A 76 0.77 -43.17 33.93
C GLU A 76 1.86 -44.06 33.36
N GLY A 77 3.09 -43.53 33.34
CA GLY A 77 4.22 -44.26 32.79
C GLY A 77 4.57 -43.96 31.33
N HIS A 78 3.95 -42.91 30.75
CA HIS A 78 4.23 -42.51 29.36
C HIS A 78 5.61 -41.90 29.22
N SER A 79 6.30 -42.31 28.15
CA SER A 79 7.62 -41.81 27.83
C SER A 79 7.66 -40.29 27.59
N ASP A 80 8.79 -39.66 27.88
CA ASP A 80 8.89 -38.23 27.63
C ASP A 80 9.28 -37.93 26.19
N TYR A 81 9.38 -38.98 25.38
CA TYR A 81 10.07 -38.88 24.08
C TYR A 81 9.20 -38.74 22.83
N ILE A 82 9.61 -37.81 21.96
CA ILE A 82 9.08 -37.72 20.62
C ILE A 82 10.17 -37.15 19.69
N ASN A 83 10.27 -37.67 18.49
CA ASN A 83 11.17 -37.08 17.53
C ASN A 83 10.69 -35.67 17.14
N GLY A 84 11.14 -34.67 17.90
CA GLY A 84 10.78 -33.27 17.71
C GLY A 84 11.67 -32.34 18.51
N ASN A 85 11.82 -31.10 18.01
CA ASN A 85 12.63 -30.05 18.65
C ASN A 85 11.95 -28.69 18.71
N PHE A 86 12.22 -27.94 19.77
CA PHE A 86 11.78 -26.56 19.80
C PHE A 86 12.75 -25.75 18.93
N ILE A 87 12.21 -24.76 18.24
CA ILE A 87 13.06 -23.78 17.57
C ILE A 87 12.70 -22.41 18.14
N ARG A 88 13.70 -21.64 18.54
CA ARG A 88 13.42 -20.32 19.06
C ARG A 88 12.95 -19.34 17.99
N GLY A 89 12.05 -18.45 18.38
CA GLY A 89 11.51 -17.45 17.46
C GLY A 89 12.27 -16.15 17.53
N VAL A 90 11.85 -15.17 16.75
CA VAL A 90 12.58 -13.89 16.62
C VAL A 90 12.74 -13.16 17.97
N ASP A 91 11.72 -13.23 18.83
CA ASP A 91 11.80 -12.62 20.15
C ASP A 91 12.53 -13.50 21.17
N GLY A 92 13.03 -14.65 20.74
CA GLY A 92 13.77 -15.55 21.61
C GLY A 92 12.90 -16.56 22.34
N SER A 93 11.61 -16.54 22.06
CA SER A 93 10.68 -17.48 22.68
C SER A 93 10.62 -18.80 21.88
N LEU A 94 10.01 -19.82 22.47
CA LEU A 94 9.82 -21.08 21.74
C LEU A 94 8.68 -20.97 20.72
N ALA A 95 8.99 -20.48 19.53
CA ALA A 95 8.01 -20.18 18.48
C ALA A 95 7.56 -21.40 17.69
N TYR A 96 8.44 -22.36 17.45
CA TYR A 96 8.10 -23.53 16.63
C TYR A 96 8.42 -24.81 17.37
N ILE A 97 7.69 -25.87 17.01
CA ILE A 97 8.08 -27.23 17.32
C ILE A 97 8.19 -27.93 15.97
N ALA A 98 9.38 -28.40 15.64
CA ALA A 98 9.61 -29.08 14.36
C ALA A 98 9.66 -30.56 14.68
N THR A 99 8.75 -31.32 14.08
CA THR A 99 8.59 -32.72 14.43
C THR A 99 8.39 -33.56 13.17
N GLN A 100 8.69 -34.85 13.22
CA GLN A 100 8.44 -35.78 12.10
C GLN A 100 6.95 -36.08 11.91
N GLY A 101 6.61 -36.65 10.76
CA GLY A 101 5.25 -37.12 10.52
C GLY A 101 5.02 -38.33 11.39
N PRO A 102 4.03 -38.26 12.31
CA PRO A 102 3.80 -39.32 13.30
C PRO A 102 3.65 -40.69 12.64
N LEU A 103 4.09 -41.71 13.36
CA LEU A 103 3.90 -43.11 12.95
C LEU A 103 2.61 -43.64 13.55
N PRO A 104 2.18 -44.83 13.12
CA PRO A 104 0.94 -45.37 13.70
C PRO A 104 1.00 -45.42 15.22
N HIS A 105 2.15 -45.81 15.75
CA HIS A 105 2.30 -45.95 17.20
C HIS A 105 2.80 -44.66 17.89
N THR A 106 3.01 -43.59 17.12
CA THR A 106 3.31 -42.32 17.80
C THR A 106 2.20 -41.28 17.67
N LEU A 107 1.05 -41.67 17.13
CA LEU A 107 -0.11 -40.79 17.06
C LEU A 107 -0.49 -40.20 18.41
N LEU A 108 -0.51 -41.05 19.43
CA LEU A 108 -0.83 -40.58 20.77
C LEU A 108 0.19 -39.56 21.26
N ASP A 109 1.48 -39.82 21.01
CA ASP A 109 2.51 -38.91 21.44
C ASP A 109 2.35 -37.56 20.72
N PHE A 110 1.90 -37.62 19.46
CA PHE A 110 1.75 -36.40 18.71
C PHE A 110 0.66 -35.50 19.34
N TRP A 111 -0.44 -36.11 19.75
CA TRP A 111 -1.50 -35.39 20.44
C TRP A 111 -1.12 -34.98 21.86
N ARG A 112 -0.35 -35.80 22.57
CA ARG A 112 0.20 -35.34 23.85
C ARG A 112 0.98 -34.04 23.65
N LEU A 113 1.81 -33.98 22.60
CA LEU A 113 2.54 -32.77 22.27
C LEU A 113 1.62 -31.59 22.02
N VAL A 114 0.65 -31.78 21.14
CA VAL A 114 -0.27 -30.70 20.81
C VAL A 114 -0.97 -30.19 22.06
N TRP A 115 -1.43 -31.14 22.88
CA TRP A 115 -2.18 -30.78 24.07
C TRP A 115 -1.33 -30.09 25.12
N GLU A 116 -0.19 -30.68 25.45
CA GLU A 116 0.66 -30.13 26.51
C GLU A 116 1.15 -28.71 26.26
N PHE A 117 1.43 -28.39 25.00
CA PHE A 117 2.00 -27.08 24.67
C PHE A 117 1.01 -26.08 24.08
N GLY A 118 -0.28 -26.40 24.18
CA GLY A 118 -1.34 -25.47 23.82
C GLY A 118 -1.34 -25.10 22.34
N VAL A 119 -0.84 -26.01 21.52
CA VAL A 119 -0.73 -25.77 20.10
C VAL A 119 -2.09 -25.41 19.45
N LYS A 120 -2.14 -24.34 18.67
CA LYS A 120 -3.37 -23.96 17.98
C LYS A 120 -3.32 -24.24 16.51
N VAL A 121 -2.13 -24.17 15.94
CA VAL A 121 -1.96 -24.30 14.50
C VAL A 121 -0.90 -25.35 14.17
N ILE A 122 -1.27 -26.32 13.35
CA ILE A 122 -0.33 -27.32 12.85
C ILE A 122 -0.07 -27.08 11.38
N LEU A 123 1.20 -27.00 10.99
CA LEU A 123 1.53 -26.87 9.56
C LEU A 123 2.14 -28.17 9.07
N MET A 124 1.52 -28.74 8.05
CA MET A 124 2.02 -29.98 7.44
C MET A 124 2.53 -29.70 6.02
N ALA A 125 3.75 -30.10 5.71
CA ALA A 125 4.31 -29.80 4.41
C ALA A 125 4.54 -31.04 3.53
N CYS A 126 3.97 -32.17 3.91
CA CYS A 126 4.10 -33.39 3.12
C CYS A 126 2.74 -34.06 2.90
N ARG A 127 2.73 -35.19 2.22
CA ARG A 127 1.56 -36.03 2.00
C ARG A 127 1.74 -37.37 2.74
N GLU A 128 0.63 -38.06 3.05
CA GLU A 128 0.69 -39.36 3.66
C GLU A 128 1.50 -40.34 2.82
N ILE A 129 1.36 -40.24 1.50
CA ILE A 129 2.01 -41.19 0.61
C ILE A 129 2.85 -40.41 -0.40
N GLU A 130 4.13 -40.66 -0.44
CA GLU A 130 4.94 -39.88 -1.29
C GLU A 130 5.56 -40.55 -2.49
N ASN A 131 6.38 -41.55 -2.31
CA ASN A 131 6.99 -42.18 -3.48
C ASN A 131 6.62 -43.61 -3.59
N GLY A 132 5.32 -43.85 -3.53
CA GLY A 132 4.76 -45.14 -3.30
C GLY A 132 5.02 -45.58 -1.88
N ARG A 133 5.34 -44.62 -1.04
CA ARG A 133 5.70 -44.92 0.32
C ARG A 133 4.87 -44.18 1.36
N LYS A 134 4.52 -44.85 2.44
CA LYS A 134 3.89 -44.18 3.55
C LYS A 134 4.82 -43.21 4.24
N ARG A 135 4.51 -41.94 4.18
CA ARG A 135 5.42 -40.89 4.66
C ARG A 135 4.92 -40.22 5.91
N CYS A 136 3.63 -40.36 6.20
CA CYS A 136 3.04 -39.72 7.37
C CYS A 136 1.72 -40.41 7.66
N GLU A 137 1.40 -40.59 8.93
CA GLU A 137 0.07 -41.15 9.27
C GLU A 137 -0.94 -40.03 9.37
N ARG A 138 -2.16 -40.29 8.92
CA ARG A 138 -3.20 -39.32 9.16
C ARG A 138 -3.43 -39.22 10.67
N TYR A 139 -3.29 -38.04 11.20
CA TYR A 139 -3.46 -37.83 12.58
C TYR A 139 -4.70 -37.01 12.86
N TRP A 140 -5.30 -36.48 11.82
CA TRP A 140 -6.48 -35.63 11.91
C TRP A 140 -7.75 -36.45 11.67
N ALA A 141 -8.88 -35.83 11.87
CA ALA A 141 -10.15 -36.54 11.76
C ALA A 141 -10.75 -36.33 10.42
N GLN A 142 -11.48 -37.32 9.93
CA GLN A 142 -12.33 -37.16 8.79
C GLN A 142 -13.69 -36.80 9.25
N GLU A 143 -14.34 -35.96 8.47
CA GLU A 143 -15.76 -35.73 8.54
C GLU A 143 -16.28 -37.04 8.08
N GLN A 144 -16.78 -37.86 9.01
CA GLN A 144 -17.17 -39.27 8.82
C GLN A 144 -16.49 -40.31 9.71
N GLU A 145 -15.28 -40.05 10.20
CA GLU A 145 -14.72 -40.82 11.29
C GLU A 145 -13.93 -39.93 12.22
N PRO A 146 -14.33 -39.80 13.46
CA PRO A 146 -13.48 -39.05 14.40
C PRO A 146 -12.31 -39.94 14.72
N LEU A 147 -11.20 -39.36 15.19
CA LEU A 147 -10.01 -40.15 15.46
C LEU A 147 -9.74 -40.24 16.96
N GLN A 148 -9.50 -41.46 17.44
CA GLN A 148 -9.26 -41.70 18.85
C GLN A 148 -7.92 -42.39 19.12
N THR A 149 -7.10 -41.76 19.95
CA THR A 149 -5.87 -42.36 20.50
C THR A 149 -5.84 -42.09 21.99
N GLY A 150 -5.62 -43.15 22.76
CA GLY A 150 -5.70 -43.05 24.20
C GLY A 150 -6.95 -42.31 24.61
N LEU A 151 -6.77 -41.21 25.33
CA LEU A 151 -7.86 -40.47 25.93
C LEU A 151 -8.34 -39.31 25.06
N PHE A 152 -7.67 -39.10 23.96
CA PHE A 152 -8.01 -38.06 23.06
C PHE A 152 -9.05 -38.51 22.07
N CYS A 153 -9.94 -37.60 21.77
CA CYS A 153 -10.87 -37.75 20.70
C CYS A 153 -10.65 -36.57 19.78
N ILE A 154 -10.37 -36.87 18.53
CA ILE A 154 -10.19 -35.88 17.49
C ILE A 154 -11.34 -35.94 16.54
N THR A 155 -11.84 -34.78 16.21
CA THR A 155 -13.05 -34.58 15.52
C THR A 155 -12.83 -33.53 14.42
N LEU A 156 -13.24 -33.83 13.20
CA LEU A 156 -13.22 -32.83 12.15
C LEU A 156 -14.45 -32.00 12.11
N ILE A 157 -14.35 -30.71 12.34
CA ILE A 157 -15.47 -29.81 12.11
C ILE A 157 -15.68 -29.45 10.64
N LYS A 158 -14.87 -28.57 10.06
CA LYS A 158 -14.99 -28.28 8.65
C LYS A 158 -13.68 -28.31 7.90
N GLU A 159 -13.74 -28.55 6.61
CA GLU A 159 -12.61 -28.50 5.75
C GLU A 159 -12.86 -27.50 4.66
N LYS A 160 -11.83 -26.79 4.23
CA LYS A 160 -11.92 -25.99 3.03
C LYS A 160 -10.53 -25.88 2.45
N TRP A 161 -10.41 -25.25 1.30
CA TRP A 161 -9.12 -24.98 0.74
C TRP A 161 -8.74 -23.57 1.06
N LEU A 162 -7.52 -23.34 1.49
CA LEU A 162 -7.03 -21.98 1.60
C LEU A 162 -6.78 -21.50 0.18
N ASN A 163 -6.18 -22.38 -0.61
CA ASN A 163 -5.99 -22.15 -2.04
C ASN A 163 -5.83 -23.53 -2.65
N GLU A 164 -5.39 -23.61 -3.89
CA GLU A 164 -5.42 -24.89 -4.61
C GLU A 164 -4.43 -25.91 -4.05
N ASP A 165 -3.45 -25.43 -3.29
CA ASP A 165 -2.38 -26.28 -2.83
C ASP A 165 -2.52 -26.60 -1.35
N ILE A 166 -3.41 -25.89 -0.67
CA ILE A 166 -3.47 -25.97 0.78
C ILE A 166 -4.86 -26.32 1.39
N MET A 167 -4.89 -27.37 2.17
CA MET A 167 -6.13 -27.70 2.83
C MET A 167 -6.11 -27.14 4.26
N LEU A 168 -7.20 -26.49 4.63
CA LEU A 168 -7.37 -25.94 5.96
C LEU A 168 -8.46 -26.76 6.68
N ARG A 169 -8.04 -27.47 7.72
CA ARG A 169 -8.97 -28.31 8.47
C ARG A 169 -9.17 -27.70 9.84
N THR A 170 -10.44 -27.53 10.21
CA THR A 170 -10.77 -27.06 11.55
C THR A 170 -11.07 -28.28 12.44
N LEU A 171 -10.20 -28.54 13.40
CA LEU A 171 -10.34 -29.73 14.23
C LEU A 171 -10.76 -29.38 15.64
N LYS A 172 -11.50 -30.30 16.26
CA LYS A 172 -11.73 -30.23 17.70
C LYS A 172 -11.05 -31.42 18.39
N VAL A 173 -10.34 -31.21 19.46
CA VAL A 173 -9.69 -32.27 20.24
C VAL A 173 -10.21 -32.23 21.63
N THR A 174 -10.57 -33.37 22.16
CA THR A 174 -11.02 -33.43 23.53
C THR A 174 -10.20 -34.37 24.35
N PHE A 175 -9.92 -33.91 25.55
CA PHE A 175 -9.15 -34.61 26.53
C PHE A 175 -9.73 -34.41 27.89
N GLN A 176 -10.16 -35.46 28.54
CA GLN A 176 -10.67 -35.39 29.89
C GLN A 176 -11.66 -34.24 30.10
N LYS A 177 -12.69 -34.15 29.29
CA LYS A 177 -13.68 -33.07 29.35
C LYS A 177 -13.26 -31.60 29.09
N GLU A 178 -12.09 -31.35 28.54
CA GLU A 178 -11.71 -30.03 28.14
C GLU A 178 -11.67 -30.15 26.67
N SER A 179 -11.87 -29.04 25.98
CA SER A 179 -12.01 -29.03 24.55
C SER A 179 -11.24 -27.89 23.91
N ARG A 180 -10.62 -28.13 22.77
CA ARG A 180 -9.87 -27.08 22.08
C ARG A 180 -9.99 -27.16 20.58
N SER A 181 -9.99 -26.02 19.92
CA SER A 181 -9.92 -25.97 18.48
C SER A 181 -8.46 -26.04 18.07
N VAL A 182 -8.18 -26.85 17.07
CA VAL A 182 -6.84 -26.90 16.52
C VAL A 182 -6.98 -26.79 15.02
N TYR A 183 -6.23 -25.88 14.40
CA TYR A 183 -6.25 -25.76 12.94
C TYR A 183 -5.07 -26.48 12.32
N GLN A 184 -5.33 -27.22 11.25
CA GLN A 184 -4.25 -27.85 10.49
C GLN A 184 -4.24 -27.30 9.07
N LEU A 185 -3.08 -26.81 8.62
CA LEU A 185 -2.89 -26.43 7.22
C LEU A 185 -1.98 -27.46 6.58
N GLN A 186 -2.44 -28.13 5.53
CA GLN A 186 -1.57 -29.05 4.79
C GLN A 186 -1.25 -28.60 3.36
N TYR A 187 0.05 -28.49 3.09
CA TYR A 187 0.57 -28.21 1.76
C TYR A 187 0.75 -29.50 0.97
N MET A 188 0.09 -29.57 -0.19
CA MET A 188 -0.11 -30.81 -0.93
C MET A 188 0.96 -31.19 -1.95
N SER A 189 1.61 -30.18 -2.53
CA SER A 189 2.54 -30.46 -3.63
C SER A 189 3.91 -29.84 -3.35
N TRP A 190 4.56 -30.25 -2.29
CA TRP A 190 5.90 -29.84 -1.97
C TRP A 190 6.71 -31.09 -1.76
N PRO A 191 7.50 -31.48 -2.84
CA PRO A 191 8.37 -32.62 -2.57
C PRO A 191 9.58 -32.32 -1.75
N ASP A 192 9.92 -33.33 -0.99
CA ASP A 192 11.20 -33.79 -0.57
C ASP A 192 12.41 -33.30 -1.29
N ARG A 193 13.20 -32.47 -0.63
CA ARG A 193 14.41 -31.92 -1.18
C ARG A 193 14.15 -30.85 -2.16
N GLY A 194 12.91 -30.72 -2.53
CA GLY A 194 12.50 -29.70 -3.43
C GLY A 194 11.83 -28.51 -2.81
N VAL A 195 11.09 -27.82 -3.66
CA VAL A 195 10.52 -26.55 -3.37
C VAL A 195 9.04 -26.67 -3.61
N PRO A 196 8.23 -25.82 -3.03
CA PRO A 196 6.78 -25.87 -3.35
C PRO A 196 6.45 -25.46 -4.78
N SER A 197 5.28 -25.85 -5.27
CA SER A 197 4.83 -25.54 -6.63
C SER A 197 4.47 -24.08 -6.79
N SER A 198 4.15 -23.46 -5.66
CA SER A 198 3.78 -22.05 -5.63
C SER A 198 4.43 -21.43 -4.40
N PRO A 199 5.59 -20.75 -4.57
CA PRO A 199 6.10 -19.97 -3.44
C PRO A 199 5.04 -19.02 -2.90
N ASP A 200 4.15 -18.52 -3.75
CA ASP A 200 3.12 -17.60 -3.27
C ASP A 200 2.15 -18.30 -2.32
N HIS A 201 1.78 -19.53 -2.67
CA HIS A 201 0.88 -20.29 -1.81
C HIS A 201 1.52 -20.63 -0.47
N MET A 202 2.83 -20.86 -0.48
CA MET A 202 3.53 -21.13 0.75
C MET A 202 3.45 -19.91 1.66
N LEU A 203 3.62 -18.72 1.10
CA LEU A 203 3.55 -17.48 1.87
C LEU A 203 2.17 -17.34 2.48
N ALA A 204 1.16 -17.63 1.68
CA ALA A 204 -0.21 -17.56 2.17
C ALA A 204 -0.44 -18.54 3.33
N MET A 205 0.20 -19.70 3.28
CA MET A 205 0.05 -20.67 4.35
C MET A 205 0.56 -20.08 5.66
N VAL A 206 1.76 -19.51 5.59
CA VAL A 206 2.33 -18.76 6.70
C VAL A 206 1.45 -17.59 7.14
N GLU A 207 0.91 -16.84 6.18
CA GLU A 207 0.01 -15.74 6.48
C GLU A 207 -1.22 -16.26 7.24
N GLU A 208 -1.83 -17.34 6.76
CA GLU A 208 -3.03 -17.88 7.39
C GLU A 208 -2.68 -18.47 8.74
N ALA A 209 -1.56 -19.18 8.84
CA ALA A 209 -1.18 -19.73 10.14
C ALA A 209 -1.07 -18.64 11.19
N ARG A 210 -0.48 -17.51 10.83
CA ARG A 210 -0.39 -16.39 11.74
C ARG A 210 -1.75 -15.76 12.12
N ARG A 211 -2.69 -15.76 11.19
CA ARG A 211 -4.00 -15.22 11.49
C ARG A 211 -4.72 -16.14 12.46
N LEU A 212 -4.69 -17.44 12.19
CA LEU A 212 -5.35 -18.41 13.06
C LEU A 212 -4.69 -18.47 14.44
N GLN A 213 -3.40 -18.21 14.47
CA GLN A 213 -2.66 -18.28 15.73
C GLN A 213 -3.07 -17.13 16.67
N GLY A 214 -3.51 -16.02 16.08
CA GLY A 214 -3.82 -14.83 16.85
C GLY A 214 -2.69 -14.48 17.80
N SER A 215 -3.04 -13.86 18.93
CA SER A 215 -2.08 -13.58 19.98
C SER A 215 -1.75 -14.89 20.69
N GLY A 216 -0.88 -14.85 21.69
CA GLY A 216 -0.63 -16.04 22.48
C GLY A 216 0.72 -16.68 22.23
N PRO A 217 1.37 -17.12 23.31
CA PRO A 217 2.76 -17.60 23.35
C PRO A 217 2.95 -19.03 22.84
N GLU A 218 1.88 -19.77 22.62
CA GLU A 218 1.98 -21.17 22.15
C GLU A 218 2.64 -21.27 20.78
N PRO A 219 3.64 -22.17 20.66
CA PRO A 219 4.38 -22.38 19.41
C PRO A 219 3.51 -22.96 18.29
N LEU A 220 3.86 -22.63 17.05
CA LEU A 220 3.32 -23.34 15.88
C LEU A 220 3.94 -24.71 15.85
N CYS A 221 3.15 -25.73 15.54
CA CYS A 221 3.71 -27.04 15.34
C CYS A 221 3.98 -27.20 13.86
N VAL A 222 5.19 -27.53 13.47
CA VAL A 222 5.50 -27.65 12.03
C VAL A 222 6.10 -28.97 11.71
N HIS A 223 5.59 -29.65 10.70
CA HIS A 223 6.17 -30.95 10.31
C HIS A 223 6.08 -31.26 8.85
N SER A 224 6.82 -32.30 8.48
CA SER A 224 6.84 -32.88 7.15
C SER A 224 6.96 -34.37 7.41
N SER A 225 7.70 -35.10 6.60
CA SER A 225 7.91 -36.51 6.90
C SER A 225 8.99 -36.76 7.97
N ALA A 226 10.19 -36.25 7.72
CA ALA A 226 11.29 -36.34 8.68
C ALA A 226 11.28 -35.20 9.66
N GLY A 227 10.63 -34.11 9.28
CA GLY A 227 10.64 -32.95 10.13
C GLY A 227 11.94 -32.19 9.95
N CYS A 228 12.54 -32.27 8.76
CA CYS A 228 13.81 -31.60 8.47
C CYS A 228 13.69 -30.52 7.39
N GLY A 229 13.87 -30.92 6.15
CA GLY A 229 13.99 -30.00 5.03
C GLY A 229 12.80 -29.08 4.80
N ARG A 230 11.63 -29.66 4.55
CA ARG A 230 10.45 -28.86 4.34
C ARG A 230 9.98 -28.15 5.59
N THR A 231 10.23 -28.75 6.74
CA THR A 231 9.85 -28.13 8.00
C THR A 231 10.71 -26.90 8.20
N GLY A 232 12.02 -27.07 8.05
CA GLY A 232 12.98 -26.00 8.25
C GLY A 232 12.76 -24.82 7.32
N VAL A 233 12.37 -25.10 6.07
CA VAL A 233 12.06 -23.99 5.18
C VAL A 233 10.86 -23.18 5.68
N LEU A 234 9.79 -23.86 6.13
CA LEU A 234 8.63 -23.13 6.65
C LEU A 234 9.01 -22.25 7.84
N CYS A 235 9.76 -22.80 8.76
CA CYS A 235 10.09 -22.08 9.98
C CYS A 235 10.88 -20.85 9.63
N THR A 236 11.77 -21.01 8.67
CA THR A 236 12.69 -19.96 8.29
C THR A 236 11.94 -18.84 7.58
N VAL A 237 11.03 -19.24 6.69
CA VAL A 237 10.18 -18.26 6.05
C VAL A 237 9.36 -17.47 7.08
N ASP A 238 8.75 -18.16 8.04
CA ASP A 238 7.91 -17.49 9.02
C ASP A 238 8.76 -16.58 9.91
N TYR A 239 9.91 -17.09 10.31
CA TYR A 239 10.84 -16.34 11.14
C TYR A 239 11.24 -15.01 10.46
N VAL A 240 11.62 -15.05 9.19
CA VAL A 240 12.00 -13.87 8.48
C VAL A 240 10.84 -12.90 8.16
N ARG A 241 9.66 -13.41 7.97
CA ARG A 241 8.48 -12.59 7.85
C ARG A 241 8.17 -11.77 9.12
N GLN A 242 8.35 -12.37 10.27
CA GLN A 242 8.13 -11.75 11.53
C GLN A 242 9.14 -10.66 11.73
N LEU A 243 10.39 -10.92 11.36
CA LEU A 243 11.45 -9.95 11.40
C LEU A 243 11.11 -8.69 10.65
N LEU A 244 10.55 -8.86 9.49
CA LEU A 244 10.14 -7.82 8.64
C LEU A 244 8.94 -7.04 9.18
N LEU A 245 7.86 -7.74 9.52
CA LEU A 245 6.66 -7.18 10.14
C LEU A 245 6.92 -6.53 11.45
N THR A 246 7.73 -7.20 12.23
CA THR A 246 8.19 -6.72 13.47
C THR A 246 9.30 -5.76 13.16
N MET A 248 12.42 -4.89 12.44
CA MET A 248 13.39 -5.66 13.22
C MET A 248 14.44 -6.49 12.49
N ILE A 249 14.54 -6.31 11.19
CA ILE A 249 15.60 -6.90 10.40
C ILE A 249 16.92 -6.24 10.74
N PRO A 250 17.94 -7.08 11.19
CA PRO A 250 19.20 -6.41 11.49
C PRO A 250 19.81 -5.72 10.33
N PRO A 251 20.67 -4.67 10.67
CA PRO A 251 21.31 -4.05 9.50
C PRO A 251 22.41 -4.89 8.84
N ASP A 252 22.83 -5.95 9.48
CA ASP A 252 23.83 -6.85 8.94
C ASP A 252 23.21 -8.20 8.69
N PHE A 253 21.89 -8.20 8.49
CA PHE A 253 21.09 -9.40 8.37
C PHE A 253 21.65 -10.46 7.46
N SER A 254 21.75 -11.66 7.98
CA SER A 254 22.29 -12.76 7.22
C SER A 254 21.39 -13.96 7.23
N LEU A 255 21.11 -14.46 6.04
CA LEU A 255 20.37 -15.66 5.87
C LEU A 255 21.20 -16.87 6.25
N PHE A 256 22.51 -16.80 6.11
CA PHE A 256 23.45 -17.81 6.55
C PHE A 256 23.44 -18.06 8.04
N ASP A 257 23.31 -17.00 8.80
CA ASP A 257 23.21 -17.07 10.22
C ASP A 257 21.83 -17.55 10.69
N VAL A 258 20.81 -17.22 9.98
CA VAL A 258 19.48 -17.68 10.32
C VAL A 258 19.41 -19.19 10.13
N VAL A 259 19.87 -19.65 8.98
CA VAL A 259 19.80 -21.07 8.69
C VAL A 259 20.69 -21.88 9.63
N LEU A 260 21.85 -21.33 9.96
CA LEU A 260 22.76 -21.92 10.92
C LEU A 260 22.02 -22.08 12.24
N LYS A 261 21.43 -21.00 12.72
CA LYS A 261 20.71 -21.03 13.99
C LYS A 261 19.61 -22.12 13.96
N MET A 262 18.90 -22.24 12.84
CA MET A 262 17.84 -23.25 12.73
C MET A 262 18.43 -24.66 12.83
N ARG A 263 19.53 -24.88 12.12
CA ARG A 263 20.17 -26.18 12.07
C ARG A 263 20.80 -26.60 13.39
N LYS A 264 20.91 -25.66 14.31
CA LYS A 264 21.52 -25.97 15.57
C LYS A 264 20.43 -26.50 16.50
N GLN A 265 19.19 -26.17 16.18
CA GLN A 265 18.05 -26.62 16.98
C GLN A 265 17.30 -27.86 16.43
N ARG A 266 17.25 -28.01 15.11
CA ARG A 266 16.61 -29.16 14.50
C ARG A 266 17.50 -29.64 13.38
N PRO A 267 17.98 -30.90 13.46
CA PRO A 267 18.92 -31.42 12.46
C PRO A 267 18.44 -31.26 11.02
N ALA A 268 19.37 -30.89 10.14
CA ALA A 268 19.07 -30.73 8.72
C ALA A 268 17.82 -29.91 8.45
N ALA A 269 17.57 -28.90 9.28
CA ALA A 269 16.51 -27.95 9.03
C ALA A 269 16.99 -27.12 7.85
N VAL A 270 16.25 -27.20 6.74
CA VAL A 270 16.78 -26.84 5.43
C VAL A 270 17.78 -27.91 4.96
N GLN A 271 17.27 -28.85 4.19
CA GLN A 271 18.02 -30.04 3.86
C GLN A 271 19.04 -29.91 2.70
N THR A 272 18.67 -29.23 1.63
CA THR A 272 19.43 -29.30 0.39
C THR A 272 19.78 -27.93 -0.12
N GLU A 273 20.83 -27.88 -0.93
CA GLU A 273 21.22 -26.63 -1.61
C GLU A 273 20.05 -25.97 -2.35
N GLU A 274 19.23 -26.78 -3.01
CA GLU A 274 18.08 -26.26 -3.74
C GLU A 274 17.11 -25.52 -2.81
N GLN A 275 16.87 -26.04 -1.62
CA GLN A 275 15.94 -25.39 -0.70
C GLN A 275 16.53 -24.09 -0.16
N TYR A 276 17.85 -24.10 0.05
CA TYR A 276 18.58 -22.93 0.46
C TYR A 276 18.47 -21.77 -0.53
N ARG A 277 18.73 -22.05 -1.81
CA ARG A 277 18.55 -21.08 -2.88
C ARG A 277 17.12 -20.58 -2.89
N PHE A 278 16.19 -21.51 -2.71
CA PHE A 278 14.79 -21.14 -2.68
C PHE A 278 14.49 -20.15 -1.53
N LEU A 279 15.07 -20.40 -0.36
CA LEU A 279 14.95 -19.48 0.78
C LEU A 279 15.41 -18.06 0.45
N TYR A 280 16.53 -17.95 -0.27
CA TYR A 280 17.04 -16.67 -0.77
C TYR A 280 16.09 -15.97 -1.75
N HIS A 281 15.56 -16.71 -2.70
CA HIS A 281 14.64 -16.14 -3.67
C HIS A 281 13.41 -15.60 -2.94
N THR A 282 12.88 -16.41 -2.03
CA THR A 282 11.67 -16.07 -1.27
C THR A 282 11.87 -14.84 -0.37
N VAL A 283 12.93 -14.84 0.43
CA VAL A 283 13.24 -13.69 1.27
C VAL A 283 13.41 -12.41 0.41
N ALA A 284 14.22 -12.49 -0.63
CA ALA A 284 14.41 -11.37 -1.53
C ALA A 284 13.06 -10.82 -2.00
N GLN A 285 12.18 -11.68 -2.51
CA GLN A 285 10.84 -11.28 -2.96
C GLN A 285 10.08 -10.61 -1.83
N MET A 286 10.10 -11.24 -0.65
CA MET A 286 9.34 -10.72 0.49
C MET A 286 9.75 -9.27 0.83
N PHE A 287 11.04 -8.97 0.74
CA PHE A 287 11.55 -7.62 1.04
C PHE A 287 11.16 -6.55 0.01
N CYS A 288 11.09 -6.94 -1.26
CA CYS A 288 10.67 -6.01 -2.31
C CYS A 288 9.34 -5.35 -1.98
N SER A 289 8.51 -6.03 -1.19
CA SER A 289 7.18 -5.55 -0.86
C SER A 289 7.10 -5.08 0.60
N LEU B 1 13.60 -46.15 2.48
CA LEU B 1 12.63 -46.53 3.51
C LEU B 1 13.34 -46.99 4.77
N GLN B 2 14.22 -46.14 5.27
CA GLN B 2 14.97 -46.35 6.50
C GLN B 2 15.69 -45.02 6.73
N ARG B 3 16.26 -44.50 5.65
CA ARG B 3 17.13 -43.30 5.67
C ARG B 3 16.52 -42.12 4.92
N SER B 5 18.17 -38.34 5.08
CA SER B 5 19.11 -37.32 4.62
C SER B 5 20.53 -37.84 4.66
N GLU B 6 21.29 -37.41 5.67
CA GLU B 6 22.73 -37.74 5.79
C GLU B 6 22.98 -39.03 6.58
N ASP C 1 0.01 18.84 -32.25
CA ASP C 1 1.46 19.02 -32.31
C ASP C 1 2.20 17.70 -32.14
N SER C 2 1.99 17.03 -31.00
CA SER C 2 2.64 15.73 -30.74
C SER C 2 2.27 14.65 -31.75
N ALA C 3 1.04 14.68 -32.22
CA ALA C 3 0.60 13.75 -33.23
C ALA C 3 1.32 14.11 -34.52
N ARG C 4 1.42 15.41 -34.77
CA ARG C 4 2.07 15.93 -35.96
C ARG C 4 3.54 15.51 -36.02
N SER C 5 4.30 15.76 -34.97
CA SER C 5 5.69 15.35 -35.02
C SER C 5 5.86 13.84 -35.25
N PHE C 6 4.96 13.02 -34.70
CA PHE C 6 5.05 11.58 -34.93
C PHE C 6 4.95 11.29 -36.42
N LEU C 7 4.02 11.96 -37.11
CA LEU C 7 3.88 11.73 -38.54
C LEU C 7 5.15 12.20 -39.28
N GLU C 8 5.73 13.30 -38.82
CA GLU C 8 6.97 13.84 -39.40
C GLU C 8 8.12 12.85 -39.26
N ARG C 9 8.26 12.28 -38.06
CA ARG C 9 9.29 11.28 -37.79
C ARG C 9 9.07 10.08 -38.69
N LEU C 10 7.80 9.75 -38.94
CA LEU C 10 7.47 8.63 -39.79
C LEU C 10 7.98 8.96 -41.18
N GLU C 11 7.75 10.21 -41.58
CA GLU C 11 8.13 10.70 -42.90
C GLU C 11 9.65 10.83 -43.09
N ALA C 12 10.34 11.34 -42.07
CA ALA C 12 11.80 11.35 -42.11
C ALA C 12 12.36 9.91 -42.11
N ARG C 13 11.48 8.95 -41.76
CA ARG C 13 11.74 7.50 -41.79
C ARG C 13 12.60 6.96 -40.62
N VAL C 20 10.94 -0.80 -42.88
CA VAL C 20 11.95 -1.49 -42.07
C VAL C 20 12.31 -0.73 -40.77
N LEU C 21 11.48 -0.78 -39.72
CA LEU C 21 10.24 -1.58 -39.63
C LEU C 21 10.41 -3.11 -39.52
N ALA C 22 10.93 -3.78 -40.54
CA ALA C 22 11.39 -5.17 -40.37
C ALA C 22 12.51 -5.19 -39.33
N GLY C 23 13.41 -4.21 -39.41
CA GLY C 23 14.45 -4.05 -38.40
C GLY C 23 13.87 -3.79 -37.00
N GLU C 24 12.89 -2.88 -36.91
CA GLU C 24 12.28 -2.57 -35.61
C GLU C 24 11.61 -3.79 -34.94
N PHE C 25 10.91 -4.61 -35.71
CA PHE C 25 10.21 -5.75 -35.15
C PHE C 25 11.22 -6.85 -34.80
N SER C 26 12.24 -7.01 -35.62
CA SER C 26 13.28 -7.94 -35.26
C SER C 26 13.95 -7.46 -33.94
N ASP C 27 14.05 -6.15 -33.72
CA ASP C 27 14.54 -5.66 -32.41
C ASP C 27 13.55 -6.02 -31.28
N ILE C 28 12.27 -5.86 -31.54
CA ILE C 28 11.25 -6.22 -30.55
C ILE C 28 11.38 -7.71 -30.12
N GLN C 29 11.73 -8.60 -31.06
CA GLN C 29 11.91 -10.00 -30.74
C GLN C 29 13.22 -10.26 -29.97
N ALA C 30 14.29 -9.57 -30.34
CA ALA C 30 15.54 -9.68 -29.59
C ALA C 30 15.33 -9.33 -28.13
N CYS C 31 14.49 -8.32 -27.85
CA CYS C 31 14.21 -7.89 -26.49
C CYS C 31 13.38 -8.92 -25.74
N SER C 32 12.41 -9.51 -26.42
CA SER C 32 11.63 -10.60 -25.83
C SER C 32 12.52 -11.78 -25.43
N ALA C 33 13.44 -12.14 -26.31
CA ALA C 33 14.38 -13.22 -26.07
C ALA C 33 15.28 -12.89 -24.88
N ALA C 34 15.71 -11.64 -24.78
CA ALA C 34 16.51 -11.22 -23.63
C ALA C 34 15.76 -11.29 -22.29
N TRP C 35 14.53 -10.82 -22.24
CA TRP C 35 13.75 -10.87 -21.01
C TRP C 35 13.59 -12.32 -20.48
N LYS C 36 13.39 -13.26 -21.41
CA LYS C 36 13.33 -14.66 -21.03
C LYS C 36 14.70 -15.10 -20.49
N ALA C 37 15.79 -14.72 -21.15
CA ALA C 37 17.10 -15.10 -20.66
C ALA C 37 17.36 -14.55 -19.24
N ASP C 38 16.92 -13.32 -18.99
CA ASP C 38 17.14 -12.64 -17.72
C ASP C 38 16.18 -13.08 -16.61
N GLY C 39 15.19 -13.89 -16.96
CA GLY C 39 14.21 -14.33 -15.99
C GLY C 39 13.24 -13.25 -15.53
N VAL C 40 13.18 -12.14 -16.25
CA VAL C 40 12.23 -11.10 -15.87
C VAL C 40 10.83 -11.47 -16.34
N CYS C 41 10.78 -12.36 -17.32
CA CYS C 41 9.52 -12.92 -17.80
C CYS C 41 9.62 -14.44 -17.68
N SER C 42 8.95 -15.00 -16.69
CA SER C 42 8.95 -16.46 -16.53
C SER C 42 7.57 -17.13 -16.71
N THR C 43 7.56 -18.45 -16.88
CA THR C 43 6.34 -19.19 -17.17
C THR C 43 6.15 -20.40 -16.22
N VAL C 44 6.40 -20.21 -14.94
CA VAL C 44 6.43 -21.31 -13.96
C VAL C 44 5.03 -21.86 -13.64
N ALA C 45 4.08 -20.98 -13.36
CA ALA C 45 2.72 -21.39 -13.07
C ALA C 45 2.06 -22.12 -14.26
N GLY C 46 2.27 -21.59 -15.46
CA GLY C 46 1.78 -22.20 -16.67
C GLY C 46 2.37 -23.58 -16.99
N SER C 47 3.59 -23.86 -16.50
CA SER C 47 4.22 -25.16 -16.77
C SER C 47 3.89 -26.21 -15.73
N ARG C 48 3.29 -25.80 -14.60
CA ARG C 48 2.91 -26.75 -13.57
C ARG C 48 2.09 -27.89 -14.17
N PRO C 49 2.38 -29.12 -13.79
CA PRO C 49 1.64 -30.29 -14.30
C PRO C 49 0.12 -30.19 -14.12
N GLU C 50 -0.36 -29.54 -13.06
CA GLU C 50 -1.81 -29.36 -12.89
C GLU C 50 -2.40 -28.31 -13.84
N ASN C 51 -1.56 -27.56 -14.56
CA ASN C 51 -2.08 -26.46 -15.38
C ASN C 51 -1.85 -26.66 -16.86
N VAL C 52 -0.91 -27.53 -17.25
CA VAL C 52 -0.59 -27.72 -18.66
C VAL C 52 -1.81 -28.04 -19.54
N ARG C 53 -2.73 -28.87 -19.05
CA ARG C 53 -3.90 -29.19 -19.87
C ARG C 53 -4.79 -27.97 -20.12
N LYS C 54 -4.56 -26.86 -19.40
CA LYS C 54 -5.42 -25.68 -19.49
C LYS C 54 -4.89 -24.69 -20.52
N ASN C 55 -3.72 -25.02 -21.06
CA ASN C 55 -3.13 -24.25 -22.14
C ASN C 55 -3.52 -24.82 -23.49
N ARG C 56 -4.11 -23.99 -24.35
CA ARG C 56 -4.46 -24.35 -25.70
C ARG C 56 -3.19 -24.71 -26.52
N TYR C 57 -2.11 -23.96 -26.32
CA TYR C 57 -0.86 -24.24 -27.02
C TYR C 57 0.33 -24.45 -26.09
N LYS C 58 1.16 -25.46 -26.40
CA LYS C 58 2.33 -25.75 -25.60
C LYS C 58 3.36 -24.61 -25.59
N ASP C 59 3.40 -23.83 -26.65
CA ASP C 59 4.39 -22.76 -26.75
C ASP C 59 3.84 -21.37 -26.38
N VAL C 60 2.65 -21.32 -25.79
CA VAL C 60 2.08 -20.06 -25.32
C VAL C 60 1.69 -20.13 -23.85
N LEU C 61 2.54 -19.60 -22.99
CA LEU C 61 2.29 -19.61 -21.56
C LEU C 61 2.28 -18.19 -21.07
N PRO C 62 1.41 -17.88 -20.10
CA PRO C 62 1.35 -16.54 -19.48
C PRO C 62 2.56 -16.24 -18.60
N TYR C 63 3.04 -15.00 -18.62
CA TYR C 63 4.13 -14.61 -17.73
C TYR C 63 3.66 -14.57 -16.27
N ASP C 64 4.45 -15.13 -15.38
CA ASP C 64 4.13 -15.11 -13.96
C ASP C 64 3.89 -13.67 -13.46
N GLN C 65 4.65 -12.72 -14.01
CA GLN C 65 4.71 -11.36 -13.46
C GLN C 65 3.38 -10.63 -13.56
N THR C 66 2.58 -10.97 -14.57
CA THR C 66 1.35 -10.25 -14.86
C THR C 66 0.16 -11.20 -15.11
N ARG C 67 0.23 -12.42 -14.62
CA ARG C 67 -0.84 -13.34 -14.94
C ARG C 67 -2.13 -13.03 -14.17
N VAL C 68 -3.24 -13.38 -14.78
CA VAL C 68 -4.53 -13.23 -14.13
C VAL C 68 -4.66 -14.32 -13.08
N ILE C 69 -4.93 -13.89 -11.86
CA ILE C 69 -5.05 -14.83 -10.75
C ILE C 69 -6.52 -14.95 -10.30
N LEU C 70 -7.09 -16.15 -10.40
CA LEU C 70 -8.50 -16.37 -10.10
C LEU C 70 -8.73 -16.81 -8.67
N SER C 71 -9.48 -16.03 -7.90
CA SER C 71 -9.71 -16.40 -6.51
C SER C 71 -11.18 -16.78 -6.24
N LEU C 72 -12.01 -16.74 -7.27
CA LEU C 72 -13.43 -16.94 -7.12
C LEU C 72 -13.70 -18.44 -7.11
N LEU C 73 -14.45 -18.90 -6.11
CA LEU C 73 -14.72 -20.33 -5.93
C LEU C 73 -13.48 -21.05 -5.38
N GLN C 74 -12.54 -20.25 -4.90
CA GLN C 74 -11.28 -20.73 -4.42
C GLN C 74 -11.46 -21.62 -3.17
N GLU C 75 -12.37 -21.20 -2.29
CA GLU C 75 -12.74 -21.99 -1.12
C GLU C 75 -13.21 -23.39 -1.52
N GLU C 76 -13.73 -23.54 -2.74
CA GLU C 76 -14.27 -24.82 -3.23
C GLU C 76 -13.16 -25.72 -3.79
N GLY C 77 -11.93 -25.19 -3.80
CA GLY C 77 -10.81 -25.92 -4.37
C GLY C 77 -10.46 -25.60 -5.82
N HIS C 78 -11.09 -24.57 -6.39
CA HIS C 78 -10.82 -24.16 -7.78
C HIS C 78 -9.45 -23.55 -7.93
N SER C 79 -8.76 -23.94 -9.00
CA SER C 79 -7.42 -23.44 -9.31
C SER C 79 -7.39 -21.93 -9.56
N ASP C 80 -6.26 -21.29 -9.28
CA ASP C 80 -6.16 -19.86 -9.54
C ASP C 80 -5.74 -19.57 -11.00
N TYR C 81 -5.65 -20.62 -11.79
CA TYR C 81 -4.97 -20.54 -13.07
C TYR C 81 -5.84 -20.42 -14.33
N ILE C 82 -5.42 -19.48 -15.19
CA ILE C 82 -5.96 -19.35 -16.54
C ILE C 82 -4.89 -18.79 -17.47
N ASN C 83 -4.82 -19.31 -18.69
CA ASN C 83 -3.89 -18.72 -19.63
C ASN C 83 -4.31 -17.30 -20.01
N GLY C 84 -3.77 -16.31 -19.31
CA GLY C 84 -4.20 -14.94 -19.48
C GLY C 84 -3.37 -13.98 -18.62
N ASN C 85 -3.22 -12.75 -19.12
CA ASN C 85 -2.42 -11.71 -18.47
C ASN C 85 -3.10 -10.35 -18.43
N PHE C 86 -2.82 -9.58 -17.38
CA PHE C 86 -3.27 -8.21 -17.34
C PHE C 86 -2.33 -7.40 -18.23
N ILE C 87 -2.85 -6.40 -18.90
CA ILE C 87 -1.99 -5.43 -19.58
C ILE C 87 -2.35 -4.06 -19.00
N ARG C 88 -1.35 -3.29 -18.59
CA ARG C 88 -1.64 -1.96 -18.07
C ARG C 88 -2.12 -1.00 -19.15
N GLY C 89 -3.01 -0.10 -18.77
CA GLY C 89 -3.54 0.92 -19.69
C GLY C 89 -2.77 2.21 -19.61
N VAL C 90 -3.21 3.20 -20.38
CA VAL C 90 -2.47 4.47 -20.51
C VAL C 90 -2.31 5.19 -19.18
N ASP C 91 -3.32 5.12 -18.32
CA ASP C 91 -3.25 5.73 -16.98
C ASP C 91 -2.52 4.84 -15.96
N GLY C 92 -2.00 3.70 -16.42
CA GLY C 92 -1.26 2.80 -15.54
C GLY C 92 -2.13 1.78 -14.83
N SER C 93 -3.43 1.80 -15.10
CA SER C 93 -4.36 0.87 -14.47
C SER C 93 -4.42 -0.44 -15.26
N LEU C 94 -5.02 -1.47 -14.68
CA LEU C 94 -5.22 -2.74 -15.39
C LEU C 94 -6.37 -2.62 -16.42
N ALA C 95 -6.03 -2.15 -17.63
CA ALA C 95 -7.02 -1.84 -18.66
C ALA C 95 -7.50 -3.05 -19.44
N TYR C 96 -6.60 -4.00 -19.69
CA TYR C 96 -6.95 -5.16 -20.52
C TYR C 96 -6.62 -6.45 -19.79
N ILE C 97 -7.37 -7.50 -20.12
CA ILE C 97 -6.98 -8.85 -19.83
C ILE C 97 -6.86 -9.54 -21.18
N ALA C 98 -5.67 -10.04 -21.50
CA ALA C 98 -5.44 -10.72 -22.78
C ALA C 98 -5.39 -12.22 -22.48
N THR C 99 -6.32 -12.97 -23.07
CA THR C 99 -6.47 -14.36 -22.71
C THR C 99 -6.65 -15.20 -23.98
N GLN C 100 -6.37 -16.50 -23.91
CA GLN C 100 -6.60 -17.43 -25.03
C GLN C 100 -8.10 -17.74 -25.24
N GLY C 101 -8.43 -18.28 -26.40
CA GLY C 101 -9.78 -18.78 -26.64
C GLY C 101 -10.02 -19.98 -25.75
N PRO C 102 -11.02 -19.90 -24.83
CA PRO C 102 -11.23 -20.95 -23.84
C PRO C 102 -11.38 -22.33 -24.48
N LEU C 103 -10.95 -23.35 -23.76
CA LEU C 103 -11.13 -24.75 -24.18
C LEU C 103 -12.42 -25.27 -23.57
N PRO C 104 -12.88 -26.44 -24.04
CA PRO C 104 -14.12 -26.99 -23.46
C PRO C 104 -14.07 -27.06 -21.95
N HIS C 105 -12.93 -27.47 -21.42
CA HIS C 105 -12.74 -27.60 -19.98
C HIS C 105 -12.16 -26.34 -19.31
N THR C 106 -11.94 -25.27 -20.07
CA THR C 106 -11.71 -24.00 -19.36
C THR C 106 -12.81 -22.95 -19.47
N LEU C 107 -13.98 -23.32 -20.00
CA LEU C 107 -15.14 -22.43 -20.08
C LEU C 107 -15.52 -21.84 -18.73
N LEU C 108 -15.53 -22.68 -17.70
CA LEU C 108 -15.86 -22.22 -16.37
C LEU C 108 -14.83 -21.19 -15.89
N ASP C 109 -13.56 -21.47 -16.14
CA ASP C 109 -12.52 -20.56 -15.72
C ASP C 109 -12.66 -19.20 -16.42
N PHE C 110 -13.11 -19.25 -17.68
CA PHE C 110 -13.29 -18.03 -18.42
C PHE C 110 -14.39 -17.16 -17.81
N TRP C 111 -15.49 -17.77 -17.40
CA TRP C 111 -16.55 -17.05 -16.69
C TRP C 111 -16.17 -16.62 -15.28
N ARG C 112 -15.37 -17.42 -14.57
CA ARG C 112 -14.83 -16.98 -13.29
C ARG C 112 -14.05 -15.68 -13.49
N LEU C 113 -13.22 -15.62 -14.53
CA LEU C 113 -12.48 -14.41 -14.87
C LEU C 113 -13.41 -13.23 -15.12
N VAL C 114 -14.40 -13.42 -15.99
CA VAL C 114 -15.33 -12.35 -16.33
C VAL C 114 -16.02 -11.84 -15.07
N TRP C 115 -16.47 -12.78 -14.25
CA TRP C 115 -17.23 -12.41 -13.07
C TRP C 115 -16.37 -11.72 -12.03
N GLU C 116 -15.23 -12.32 -11.71
CA GLU C 116 -14.37 -11.78 -10.64
C GLU C 116 -13.87 -10.36 -10.88
N PHE C 117 -13.61 -10.02 -12.14
CA PHE C 117 -13.03 -8.73 -12.46
C PHE C 117 -14.02 -7.73 -13.05
N GLY C 118 -15.32 -8.05 -12.93
CA GLY C 118 -16.38 -7.14 -13.30
C GLY C 118 -16.38 -6.76 -14.78
N VAL C 119 -15.89 -7.65 -15.61
CA VAL C 119 -15.77 -7.40 -17.03
C VAL C 119 -17.12 -7.07 -17.67
N LYS C 120 -17.18 -6.01 -18.48
CA LYS C 120 -18.44 -5.63 -19.15
C LYS C 120 -18.37 -5.89 -20.64
N VAL C 121 -17.17 -5.83 -21.19
CA VAL C 121 -17.03 -5.95 -22.63
C VAL C 121 -15.97 -6.99 -22.97
N ILE C 122 -16.35 -7.96 -23.79
CA ILE C 122 -15.38 -8.94 -24.27
C ILE C 122 -15.12 -8.70 -25.75
N LEU C 123 -13.85 -8.61 -26.13
CA LEU C 123 -13.50 -8.52 -27.55
C LEU C 123 -12.90 -9.80 -28.07
N MET C 124 -13.53 -10.37 -29.09
CA MET C 124 -13.03 -11.60 -29.70
C MET C 124 -12.52 -11.31 -31.13
N ALA C 125 -11.29 -11.70 -31.44
CA ALA C 125 -10.73 -11.44 -32.74
C ALA C 125 -10.51 -12.68 -33.61
N CYS C 126 -11.07 -13.82 -33.22
CA CYS C 126 -10.94 -15.03 -34.01
C CYS C 126 -12.31 -15.69 -34.24
N ARG C 127 -12.30 -16.82 -34.93
CA ARG C 127 -13.48 -17.68 -35.14
C ARG C 127 -13.31 -19.03 -34.40
N GLU C 128 -14.42 -19.71 -34.12
CA GLU C 128 -14.37 -21.01 -33.49
C GLU C 128 -13.55 -22.00 -34.32
N ILE C 129 -13.74 -21.96 -35.62
CA ILE C 129 -13.09 -22.86 -36.53
C ILE C 129 -12.28 -22.06 -37.51
N GLU C 130 -10.98 -22.29 -37.52
CA GLU C 130 -10.12 -21.53 -38.39
C GLU C 130 -9.52 -22.19 -39.60
N ASN C 131 -8.67 -23.18 -39.44
CA ASN C 131 -8.08 -23.79 -40.64
C ASN C 131 -8.43 -25.22 -40.78
N GLY C 132 -9.71 -25.47 -40.66
CA GLY C 132 -10.24 -26.76 -40.41
C GLY C 132 -10.03 -27.16 -38.99
N ARG C 133 -9.62 -26.25 -38.15
CA ARG C 133 -9.30 -26.58 -36.79
C ARG C 133 -10.18 -25.90 -35.74
N LYS C 134 -10.46 -26.56 -34.63
CA LYS C 134 -11.11 -25.88 -33.52
C LYS C 134 -10.21 -24.82 -32.86
N ARG C 135 -10.58 -23.58 -32.91
CA ARG C 135 -9.67 -22.55 -32.46
C ARG C 135 -10.17 -21.85 -31.22
N CYS C 136 -11.45 -22.01 -30.93
CA CYS C 136 -12.02 -21.37 -29.76
C CYS C 136 -13.33 -22.05 -29.47
N GLU C 137 -13.65 -22.23 -28.18
CA GLU C 137 -14.97 -22.79 -27.86
C GLU C 137 -15.98 -21.66 -27.78
N ARG C 138 -17.21 -21.95 -28.17
CA ARG C 138 -18.25 -20.96 -27.97
C ARG C 138 -18.47 -20.87 -26.48
N TYR C 139 -18.28 -19.67 -25.92
CA TYR C 139 -18.50 -19.47 -24.51
C TYR C 139 -19.73 -18.60 -24.27
N TRP C 140 -20.34 -18.12 -25.37
CA TRP C 140 -21.52 -17.26 -25.27
C TRP C 140 -22.79 -18.07 -25.49
N ALA C 141 -23.94 -17.51 -25.12
CA ALA C 141 -25.19 -18.23 -25.24
C ALA C 141 -25.73 -18.03 -26.64
N GLN C 142 -26.47 -19.02 -27.11
CA GLN C 142 -27.26 -18.84 -28.33
C GLN C 142 -28.70 -18.54 -27.98
N GLU C 143 -29.40 -17.92 -28.92
CA GLU C 143 -30.83 -17.72 -28.80
C GLU C 143 -31.42 -19.10 -28.99
N GLN C 144 -32.02 -19.67 -27.95
CA GLN C 144 -32.54 -21.05 -28.03
C GLN C 144 -31.75 -22.02 -27.16
N GLU C 145 -30.54 -21.62 -26.77
CA GLU C 145 -29.72 -22.45 -25.90
C GLU C 145 -28.92 -21.56 -24.94
N PRO C 146 -29.37 -21.45 -23.68
CA PRO C 146 -28.52 -20.72 -22.76
C PRO C 146 -27.33 -21.61 -22.44
N LEU C 147 -26.26 -21.03 -21.94
CA LEU C 147 -25.06 -21.81 -21.66
C LEU C 147 -24.81 -21.91 -20.16
N GLN C 148 -24.56 -23.13 -19.69
CA GLN C 148 -24.31 -23.37 -18.28
C GLN C 148 -22.95 -24.04 -18.03
N THR C 149 -22.12 -23.39 -17.21
CA THR C 149 -20.91 -24.00 -16.65
C THR C 149 -20.88 -23.72 -15.15
N GLY C 150 -20.65 -24.78 -14.38
CA GLY C 150 -20.73 -24.68 -12.94
C GLY C 150 -21.98 -23.94 -12.54
N LEU C 151 -21.79 -22.86 -11.81
CA LEU C 151 -22.89 -22.12 -11.21
C LEU C 151 -23.39 -20.97 -12.08
N PHE C 152 -22.74 -20.75 -13.22
CA PHE C 152 -23.12 -19.64 -14.08
C PHE C 152 -24.16 -20.08 -15.09
N CYS C 153 -25.13 -19.20 -15.33
CA CYS C 153 -26.00 -19.38 -16.46
C CYS C 153 -25.76 -18.19 -17.39
N ILE C 154 -25.40 -18.49 -18.62
CA ILE C 154 -25.25 -17.45 -19.64
C ILE C 154 -26.42 -17.47 -20.61
N THR C 155 -26.99 -16.31 -20.83
CA THR C 155 -28.19 -16.16 -21.61
C THR C 155 -27.98 -15.12 -22.70
N LEU C 156 -28.41 -15.44 -23.92
CA LEU C 156 -28.35 -14.47 -25.02
C LEU C 156 -29.56 -13.58 -25.07
N ILE C 157 -29.40 -12.28 -24.78
CA ILE C 157 -30.51 -11.33 -24.91
C ILE C 157 -30.82 -10.96 -26.36
N LYS C 158 -29.96 -10.17 -26.99
CA LYS C 158 -30.10 -9.85 -28.41
C LYS C 158 -28.76 -9.90 -29.14
N GLU C 159 -28.85 -10.03 -30.46
CA GLU C 159 -27.68 -10.16 -31.33
C GLU C 159 -27.88 -9.21 -32.50
N LYS C 160 -26.82 -8.53 -32.91
CA LYS C 160 -26.86 -7.79 -34.17
C LYS C 160 -25.46 -7.62 -34.72
N TRP C 161 -25.37 -7.07 -35.93
CA TRP C 161 -24.08 -6.71 -36.51
C TRP C 161 -23.75 -5.25 -36.19
N LEU C 162 -22.57 -4.99 -35.64
CA LEU C 162 -22.07 -3.62 -35.54
C LEU C 162 -21.83 -3.14 -36.96
N ASN C 163 -21.19 -4.00 -37.74
CA ASN C 163 -21.03 -3.79 -39.17
C ASN C 163 -20.87 -5.17 -39.79
N GLU C 164 -20.41 -5.25 -41.03
CA GLU C 164 -20.45 -6.52 -41.75
C GLU C 164 -19.47 -7.54 -41.17
N ASP C 165 -18.50 -7.06 -40.42
CA ASP C 165 -17.43 -7.90 -39.96
C ASP C 165 -17.56 -8.23 -38.48
N ILE C 166 -18.46 -7.52 -37.80
CA ILE C 166 -18.51 -7.62 -36.34
C ILE C 166 -19.90 -7.96 -35.76
N MET C 167 -19.94 -9.02 -34.96
CA MET C 167 -21.18 -9.37 -34.30
C MET C 167 -21.18 -8.80 -32.88
N LEU C 168 -22.28 -8.14 -32.51
CA LEU C 168 -22.44 -7.59 -31.19
C LEU C 168 -23.50 -8.39 -30.44
N ARG C 169 -23.09 -9.10 -29.40
CA ARG C 169 -24.02 -9.94 -28.68
C ARG C 169 -24.23 -9.33 -27.31
N THR C 170 -25.50 -9.18 -26.94
CA THR C 170 -25.82 -8.72 -25.59
C THR C 170 -26.13 -9.94 -24.71
N LEU C 171 -25.26 -10.19 -23.74
CA LEU C 171 -25.40 -11.39 -22.91
C LEU C 171 -25.81 -11.05 -21.49
N LYS C 172 -26.53 -11.97 -20.88
CA LYS C 172 -26.79 -11.88 -19.44
C LYS C 172 -26.10 -13.03 -18.74
N VAL C 173 -25.35 -12.74 -17.69
CA VAL C 173 -24.72 -13.80 -16.91
C VAL C 173 -25.26 -13.75 -15.49
N THR C 174 -25.66 -14.89 -14.97
CA THR C 174 -26.18 -14.87 -13.61
C THR C 174 -25.39 -15.87 -12.80
N PHE C 175 -25.14 -15.50 -11.56
CA PHE C 175 -24.33 -16.28 -10.68
C PHE C 175 -24.83 -16.00 -9.28
N GLN C 176 -25.30 -17.05 -8.62
CA GLN C 176 -25.80 -16.98 -7.26
C GLN C 176 -26.73 -15.81 -7.05
N LYS C 177 -27.81 -15.74 -7.85
CA LYS C 177 -28.85 -14.70 -7.71
C LYS C 177 -28.48 -13.27 -8.13
N GLU C 178 -27.21 -13.02 -8.45
CA GLU C 178 -26.85 -11.71 -8.99
C GLU C 178 -26.81 -11.79 -10.52
N SER C 179 -27.21 -10.71 -11.19
CA SER C 179 -27.27 -10.70 -12.65
C SER C 179 -26.44 -9.55 -13.20
N ARG C 180 -25.85 -9.75 -14.38
CA ARG C 180 -25.08 -8.69 -15.05
C ARG C 180 -25.18 -8.80 -16.55
N SER C 181 -25.04 -7.65 -17.20
CA SER C 181 -24.97 -7.60 -18.64
C SER C 181 -23.50 -7.68 -19.06
N VAL C 182 -23.21 -8.51 -20.04
CA VAL C 182 -21.88 -8.54 -20.60
C VAL C 182 -22.05 -8.42 -22.11
N TYR C 183 -21.26 -7.53 -22.73
CA TYR C 183 -21.29 -7.38 -24.19
C TYR C 183 -20.09 -8.11 -24.81
N GLN C 184 -20.36 -8.84 -25.90
CA GLN C 184 -19.30 -9.48 -26.65
C GLN C 184 -19.29 -8.95 -28.07
N LEU C 185 -18.14 -8.48 -28.53
CA LEU C 185 -17.95 -8.09 -29.92
C LEU C 185 -17.03 -9.11 -30.55
N GLN C 186 -17.48 -9.78 -31.60
CA GLN C 186 -16.63 -10.70 -32.35
C GLN C 186 -16.30 -10.25 -33.78
N TYR C 187 -15.00 -10.15 -34.06
CA TYR C 187 -14.49 -9.85 -35.39
C TYR C 187 -14.29 -11.15 -36.18
N MET C 188 -14.96 -11.22 -37.33
CA MET C 188 -15.16 -12.46 -38.06
C MET C 188 -14.08 -12.82 -39.08
N SER C 189 -13.45 -11.80 -39.63
CA SER C 189 -12.49 -11.99 -40.69
C SER C 189 -11.14 -11.37 -40.42
N TRP C 190 -10.47 -11.85 -39.39
CA TRP C 190 -9.15 -11.44 -39.03
C TRP C 190 -8.38 -12.70 -38.81
N PRO C 191 -7.58 -13.05 -39.91
CA PRO C 191 -6.76 -14.22 -39.67
C PRO C 191 -5.53 -13.96 -38.87
N ASP C 192 -5.19 -14.98 -38.12
CA ASP C 192 -3.93 -15.38 -37.60
C ASP C 192 -2.69 -14.90 -38.31
N ARG C 193 -1.92 -14.04 -37.69
CA ARG C 193 -0.69 -13.51 -38.25
C ARG C 193 -0.93 -12.47 -39.26
N GLY C 194 -2.17 -12.34 -39.65
CA GLY C 194 -2.58 -11.34 -40.56
C GLY C 194 -3.22 -10.12 -39.98
N VAL C 195 -3.94 -9.46 -40.86
CA VAL C 195 -4.53 -8.19 -40.64
C VAL C 195 -5.99 -8.33 -40.89
N PRO C 196 -6.79 -7.40 -40.21
CA PRO C 196 -8.22 -7.53 -40.53
C PRO C 196 -8.60 -7.13 -41.95
N SER C 197 -9.76 -7.50 -42.42
CA SER C 197 -10.23 -7.19 -43.77
C SER C 197 -10.58 -5.72 -43.92
N SER C 198 -10.92 -5.09 -42.79
CA SER C 198 -11.27 -3.69 -42.78
C SER C 198 -10.62 -3.08 -41.53
N PRO C 199 -9.46 -2.41 -41.69
CA PRO C 199 -8.95 -1.62 -40.58
C PRO C 199 -10.02 -0.68 -40.03
N ASP C 200 -10.89 -0.15 -40.88
CA ASP C 200 -11.93 0.76 -40.39
C ASP C 200 -12.90 0.07 -39.46
N HIS C 201 -13.28 -1.16 -39.80
CA HIS C 201 -14.17 -1.93 -38.94
C HIS C 201 -13.54 -2.26 -37.60
N MET C 202 -12.24 -2.51 -37.63
CA MET C 202 -11.52 -2.77 -36.39
C MET C 202 -11.61 -1.55 -35.49
N LEU C 203 -11.46 -0.36 -36.06
CA LEU C 203 -11.51 0.88 -35.28
C LEU C 203 -12.89 1.04 -34.67
N ALA C 204 -13.90 0.75 -35.47
CA ALA C 204 -15.26 0.82 -34.98
C ALA C 204 -15.49 -0.16 -33.81
N MET C 205 -14.83 -1.32 -33.85
CA MET C 205 -15.00 -2.30 -32.78
C MET C 205 -14.48 -1.70 -31.48
N VAL C 206 -13.28 -1.12 -31.56
CA VAL C 206 -12.71 -0.40 -30.44
C VAL C 206 -13.60 0.77 -30.00
N GLU C 207 -14.15 1.50 -30.96
CA GLU C 207 -15.05 2.62 -30.66
C GLU C 207 -16.26 2.09 -29.88
N GLU C 208 -16.87 1.02 -30.36
CA GLU C 208 -18.08 0.49 -29.75
C GLU C 208 -17.74 -0.09 -28.38
N ALA C 209 -16.63 -0.81 -28.30
CA ALA C 209 -16.23 -1.38 -27.02
C ALA C 209 -16.12 -0.28 -25.96
N ARG C 210 -15.54 0.86 -26.35
CA ARG C 210 -15.43 1.99 -25.42
C ARG C 210 -16.78 2.62 -25.03
N ARG C 211 -17.73 2.64 -25.96
CA ARG C 211 -19.04 3.15 -25.65
C ARG C 211 -19.76 2.21 -24.67
N LEU C 212 -19.73 0.92 -24.96
CA LEU C 212 -20.39 -0.05 -24.08
C LEU C 212 -19.74 -0.12 -22.71
N GLN C 213 -18.44 0.14 -22.67
CA GLN C 213 -17.69 0.10 -21.41
C GLN C 213 -18.11 1.24 -20.47
N GLY C 214 -18.56 2.35 -21.05
CA GLY C 214 -18.87 3.54 -20.28
C GLY C 214 -17.74 3.88 -19.32
N SER C 215 -18.08 4.49 -18.19
CA SER C 215 -17.11 4.76 -17.14
C SER C 215 -16.80 3.44 -16.42
N GLY C 216 -15.94 3.50 -15.42
CA GLY C 216 -15.68 2.31 -14.62
C GLY C 216 -14.34 1.66 -14.90
N PRO C 217 -13.67 1.25 -13.82
CA PRO C 217 -12.29 0.75 -13.79
C PRO C 217 -12.08 -0.68 -14.30
N GLU C 218 -13.16 -1.41 -14.54
CA GLU C 218 -13.08 -2.80 -14.98
C GLU C 218 -12.41 -2.93 -16.37
N PRO C 219 -11.44 -3.85 -16.48
CA PRO C 219 -10.68 -4.05 -17.73
C PRO C 219 -11.54 -4.61 -18.85
N LEU C 220 -11.18 -4.26 -20.09
CA LEU C 220 -11.70 -4.95 -21.25
C LEU C 220 -11.10 -6.34 -21.29
N CYS C 221 -11.90 -7.35 -21.61
CA CYS C 221 -11.35 -8.67 -21.81
C CYS C 221 -11.08 -8.83 -23.29
N VAL C 222 -9.86 -9.18 -23.67
CA VAL C 222 -9.54 -9.28 -25.10
C VAL C 222 -8.95 -10.62 -25.43
N HIS C 223 -9.47 -11.29 -26.45
CA HIS C 223 -8.90 -12.59 -26.83
C HIS C 223 -9.02 -12.94 -28.32
N SER C 224 -8.27 -13.97 -28.68
CA SER C 224 -8.24 -14.53 -30.00
C SER C 224 -8.11 -16.03 -29.75
N SER C 225 -7.34 -16.76 -30.55
CA SER C 225 -7.16 -18.17 -30.23
C SER C 225 -6.09 -18.41 -29.18
N ALA C 226 -4.88 -17.91 -29.43
CA ALA C 226 -3.78 -18.00 -28.47
C ALA C 226 -3.80 -16.84 -27.48
N GLY C 227 -4.42 -15.73 -27.87
CA GLY C 227 -4.39 -14.59 -26.99
C GLY C 227 -3.08 -13.85 -27.19
N CYS C 228 -2.50 -13.93 -28.37
CA CYS C 228 -1.25 -13.23 -28.66
C CYS C 228 -1.38 -12.16 -29.74
N GLY C 229 -1.20 -12.57 -31.00
CA GLY C 229 -1.08 -11.63 -32.10
C GLY C 229 -2.28 -10.72 -32.32
N ARG C 230 -3.43 -11.29 -32.62
CA ARG C 230 -4.60 -10.48 -32.81
C ARG C 230 -5.05 -9.77 -31.54
N THR C 231 -4.75 -10.38 -30.40
CA THR C 231 -5.13 -9.78 -29.13
C THR C 231 -4.30 -8.53 -28.92
N GLY C 232 -2.99 -8.68 -29.08
CA GLY C 232 -2.03 -7.61 -28.89
C GLY C 232 -2.26 -6.43 -29.81
N VAL C 233 -2.66 -6.71 -31.05
CA VAL C 233 -2.99 -5.63 -31.96
C VAL C 233 -4.19 -4.83 -31.47
N LEU C 234 -5.26 -5.50 -31.02
CA LEU C 234 -6.42 -4.76 -30.49
C LEU C 234 -6.05 -3.87 -29.31
N CYS C 235 -5.30 -4.43 -28.37
CA CYS C 235 -4.97 -3.71 -27.16
C CYS C 235 -4.16 -2.50 -27.52
N THR C 236 -3.28 -2.67 -28.49
CA THR C 236 -2.36 -1.61 -28.86
C THR C 236 -3.11 -0.48 -29.55
N VAL C 237 -4.00 -0.86 -30.44
CA VAL C 237 -4.86 0.10 -31.09
C VAL C 237 -5.69 0.88 -30.06
N ASP C 238 -6.28 0.19 -29.08
CA ASP C 238 -7.14 0.87 -28.12
C ASP C 238 -6.30 1.78 -27.20
N TYR C 239 -5.14 1.27 -26.80
CA TYR C 239 -4.20 2.03 -25.98
C TYR C 239 -3.78 3.35 -26.66
N VAL C 240 -3.37 3.29 -27.92
CA VAL C 240 -2.90 4.49 -28.60
C VAL C 240 -4.06 5.47 -28.86
N ARG C 241 -5.22 4.95 -29.22
CA ARG C 241 -6.45 5.76 -29.30
C ARG C 241 -6.79 6.50 -27.99
N GLN C 242 -6.67 5.83 -26.86
CA GLN C 242 -6.89 6.50 -25.57
C GLN C 242 -5.86 7.60 -25.40
N LEU C 243 -4.62 7.33 -25.79
CA LEU C 243 -3.57 8.37 -25.74
C LEU C 243 -3.95 9.60 -26.55
N LEU C 244 -4.41 9.38 -27.77
CA LEU C 244 -4.87 10.46 -28.63
C LEU C 244 -6.06 11.21 -28.01
N LEU C 245 -7.12 10.48 -27.64
CA LEU C 245 -8.34 11.06 -27.04
C LEU C 245 -8.11 11.79 -25.72
N THR C 246 -7.11 11.35 -24.96
CA THR C 246 -6.77 11.94 -23.67
C THR C 246 -5.67 13.00 -23.87
N GLN C 247 -5.34 13.25 -25.13
CA GLN C 247 -4.18 14.06 -25.50
C GLN C 247 -3.00 13.88 -24.54
N MET C 248 -2.61 12.63 -24.33
CA MET C 248 -1.45 12.28 -23.51
C MET C 248 -0.31 11.66 -24.35
N ILE C 249 -0.30 11.95 -25.65
CA ILE C 249 0.75 11.48 -26.55
C ILE C 249 2.07 12.13 -26.19
N PRO C 250 3.02 11.36 -25.61
CA PRO C 250 4.31 11.97 -25.23
C PRO C 250 4.95 12.68 -26.42
N PRO C 251 5.82 13.66 -26.15
CA PRO C 251 6.43 14.33 -27.28
C PRO C 251 7.45 13.44 -28.02
N ASP C 252 7.98 12.44 -27.33
CA ASP C 252 8.93 11.48 -27.92
C ASP C 252 8.25 10.12 -28.22
N PHE C 253 6.96 10.16 -28.52
CA PHE C 253 6.11 8.98 -28.55
C PHE C 253 6.62 7.92 -29.50
N SER C 254 6.75 6.70 -28.99
CA SER C 254 7.26 5.62 -29.81
C SER C 254 6.37 4.37 -29.83
N LEU C 255 6.06 3.92 -31.04
CA LEU C 255 5.27 2.73 -31.23
C LEU C 255 6.12 1.53 -30.83
N PHE C 256 7.42 1.63 -31.11
CA PHE C 256 8.37 0.62 -30.67
C PHE C 256 8.31 0.39 -29.14
N ASP C 257 8.27 1.45 -28.34
CA ASP C 257 8.17 1.29 -26.89
C ASP C 257 6.81 0.75 -26.46
N VAL C 258 5.76 1.14 -27.16
CA VAL C 258 4.42 0.69 -26.81
C VAL C 258 4.35 -0.82 -27.01
N VAL C 259 4.80 -1.29 -28.17
CA VAL C 259 4.75 -2.71 -28.45
C VAL C 259 5.66 -3.52 -27.54
N LEU C 260 6.83 -2.98 -27.22
CA LEU C 260 7.72 -3.57 -26.25
C LEU C 260 6.99 -3.75 -24.92
N LYS C 261 6.38 -2.66 -24.44
CA LYS C 261 5.67 -2.68 -23.16
C LYS C 261 4.59 -3.78 -23.18
N MET C 262 3.85 -3.90 -24.30
CA MET C 262 2.80 -4.91 -24.42
C MET C 262 3.37 -6.32 -24.34
N ARG C 263 4.48 -6.54 -25.04
CA ARG C 263 5.14 -7.84 -25.07
C ARG C 263 5.76 -8.25 -23.74
N LYS C 264 5.88 -7.30 -22.83
CA LYS C 264 6.49 -7.63 -21.56
C LYS C 264 5.40 -8.15 -20.65
N GLN C 265 4.16 -7.81 -20.99
CA GLN C 265 3.01 -8.24 -20.19
C GLN C 265 2.27 -9.48 -20.71
N ARG C 266 2.16 -9.64 -21.99
CA ARG C 266 1.52 -10.76 -22.58
C ARG C 266 2.41 -11.26 -23.65
N PRO C 267 2.80 -12.59 -23.51
CA PRO C 267 3.72 -13.06 -24.55
C PRO C 267 3.30 -12.90 -25.98
N ALA C 268 4.25 -12.54 -26.81
CA ALA C 268 4.08 -12.31 -28.22
C ALA C 268 2.83 -11.55 -28.57
N ALA C 269 2.68 -10.39 -27.99
CA ALA C 269 1.49 -9.60 -28.12
C ALA C 269 1.31 -9.16 -29.55
N VAL C 270 2.26 -8.42 -30.11
CA VAL C 270 2.25 -8.26 -31.57
C VAL C 270 3.03 -9.42 -32.18
N GLN C 271 2.38 -10.33 -32.88
CA GLN C 271 2.99 -11.60 -33.29
C GLN C 271 3.94 -11.55 -34.46
N THR C 272 3.57 -10.92 -35.53
CA THR C 272 4.37 -10.95 -36.76
C THR C 272 4.73 -9.57 -37.26
N GLU C 273 5.78 -9.50 -38.07
CA GLU C 273 6.18 -8.26 -38.74
C GLU C 273 5.02 -7.62 -39.48
N GLU C 274 4.20 -8.44 -40.14
CA GLU C 274 3.04 -7.91 -40.88
C GLU C 274 2.08 -7.15 -39.96
N GLN C 275 1.84 -7.66 -38.76
CA GLN C 275 0.88 -7.01 -37.85
C GLN C 275 1.48 -5.74 -37.31
N TYR C 276 2.79 -5.77 -37.09
CA TYR C 276 3.54 -4.59 -36.69
C TYR C 276 3.43 -3.42 -37.68
N ARG C 277 3.71 -3.69 -38.95
CA ARG C 277 3.51 -2.72 -40.02
C ARG C 277 2.07 -2.22 -40.03
N PHE C 278 1.13 -3.14 -39.84
CA PHE C 278 -0.27 -2.77 -39.82
C PHE C 278 -0.57 -1.79 -38.66
N LEU C 279 0.01 -2.03 -37.48
CA LEU C 279 -0.10 -1.12 -36.35
C LEU C 279 0.38 0.30 -36.69
N TYR C 280 1.51 0.41 -37.38
CA TYR C 280 1.99 1.69 -37.91
C TYR C 280 1.03 2.39 -38.89
N HIS C 281 0.50 1.63 -39.84
CA HIS C 281 -0.41 2.21 -40.82
C HIS C 281 -1.64 2.76 -40.07
N THR C 282 -2.18 1.94 -39.17
CA THR C 282 -3.39 2.29 -38.40
C THR C 282 -3.17 3.50 -37.52
N VAL C 283 -2.10 3.50 -36.72
CA VAL C 283 -1.80 4.65 -35.87
C VAL C 283 -1.62 5.94 -36.72
N ALA C 284 -0.86 5.84 -37.80
CA ALA C 284 -0.66 6.97 -38.69
C ALA C 284 -2.00 7.53 -39.15
N GLN C 285 -2.88 6.68 -39.67
CA GLN C 285 -4.21 7.09 -40.10
C GLN C 285 -4.96 7.76 -38.95
N MET C 286 -4.95 7.14 -37.79
CA MET C 286 -5.72 7.65 -36.64
C MET C 286 -5.30 9.10 -36.31
N PHE C 287 -4.01 9.39 -36.40
CA PHE C 287 -3.51 10.75 -36.10
C PHE C 287 -3.88 11.81 -37.13
N CYS C 288 -3.96 11.43 -38.40
CA CYS C 288 -4.38 12.35 -39.45
C CYS C 288 -5.72 13.00 -39.14
N SER C 289 -6.54 12.32 -38.32
CA SER C 289 -7.87 12.80 -37.99
C SER C 289 -7.95 13.26 -36.53
N LEU D 1 -1.49 -27.74 -34.67
CA LEU D 1 -2.47 -28.12 -33.66
C LEU D 1 -1.76 -28.58 -32.39
N GLN D 2 -0.86 -27.74 -31.90
CA GLN D 2 -0.11 -27.95 -30.65
C GLN D 2 0.64 -26.64 -30.44
N ARG D 3 1.17 -26.11 -31.54
CA ARG D 3 2.05 -24.94 -31.53
C ARG D 3 1.42 -23.73 -32.23
N SER D 5 3.09 -19.89 -31.98
CA SER D 5 4.06 -18.91 -32.46
C SER D 5 5.47 -19.44 -32.44
N GLU D 6 6.26 -18.95 -31.49
CA GLU D 6 7.67 -19.34 -31.31
C GLU D 6 7.78 -20.62 -30.44
N ASP E 1 -9.89 -9.00 10.48
CA ASP E 1 -10.74 -9.88 11.25
C ASP E 1 -10.87 -9.33 12.64
N SER E 2 -9.80 -9.44 13.40
CA SER E 2 -9.80 -8.95 14.73
C SER E 2 -9.75 -7.46 14.69
N ALA E 3 -9.28 -6.91 13.60
CA ALA E 3 -9.34 -5.49 13.42
C ALA E 3 -10.78 -5.15 13.14
N ARG E 4 -11.47 -6.08 12.49
CA ARG E 4 -12.83 -5.80 12.09
C ARG E 4 -13.75 -5.94 13.24
N SER E 5 -13.45 -6.88 14.11
CA SER E 5 -14.28 -7.08 15.25
C SER E 5 -14.17 -5.90 16.23
N PHE E 6 -12.99 -5.29 16.41
CA PHE E 6 -12.88 -4.05 17.17
C PHE E 6 -13.69 -2.93 16.52
N LEU E 7 -13.50 -2.73 15.22
CA LEU E 7 -14.25 -1.73 14.53
C LEU E 7 -15.71 -2.03 14.64
N GLU E 8 -16.02 -3.27 14.95
CA GLU E 8 -17.40 -3.66 15.14
C GLU E 8 -17.79 -3.26 16.52
N ARG E 9 -16.83 -3.19 17.43
CA ARG E 9 -17.10 -2.95 18.82
C ARG E 9 -16.94 -1.51 19.17
N LEU E 10 -16.70 -0.65 18.21
CA LEU E 10 -17.03 0.75 18.31
C LEU E 10 -18.49 0.99 17.95
N GLU E 11 -19.01 0.13 17.12
CA GLU E 11 -20.38 0.12 16.68
C GLU E 11 -21.28 -0.25 17.83
N ALA E 12 -20.87 0.20 19.01
CA ALA E 12 -21.78 0.34 20.13
C ALA E 12 -21.28 1.48 20.99
N VAL E 20 -19.45 8.19 25.65
CA VAL E 20 -19.38 7.87 27.07
C VAL E 20 -18.94 6.43 27.33
N LEU E 21 -17.64 6.10 27.27
CA LEU E 21 -16.50 7.01 26.98
C LEU E 21 -16.10 8.03 28.06
N ALA E 22 -16.98 8.98 28.40
CA ALA E 22 -16.79 9.72 29.62
C ALA E 22 -16.82 8.75 30.82
N GLY E 23 -17.72 7.77 30.76
CA GLY E 23 -17.80 6.75 31.77
C GLY E 23 -16.53 5.93 31.78
N GLU E 24 -16.06 5.51 30.61
CA GLU E 24 -14.85 4.68 30.54
C GLU E 24 -13.59 5.34 31.13
N PHE E 25 -13.43 6.62 30.83
CA PHE E 25 -12.28 7.36 31.32
C PHE E 25 -12.42 7.64 32.82
N SER E 26 -13.63 7.87 33.27
CA SER E 26 -13.85 7.99 34.69
C SER E 26 -13.52 6.67 35.39
N ASP E 27 -13.75 5.56 34.71
CA ASP E 27 -13.36 4.27 35.27
C ASP E 27 -11.86 4.12 35.29
N ILE E 28 -11.20 4.62 34.23
CA ILE E 28 -9.75 4.59 34.20
C ILE E 28 -9.10 5.35 35.37
N GLN E 29 -9.73 6.43 35.80
CA GLN E 29 -9.25 7.23 36.94
C GLN E 29 -9.56 6.57 38.27
N ALA E 30 -10.71 5.89 38.36
CA ALA E 30 -11.03 5.12 39.58
C ALA E 30 -9.99 4.01 39.84
N CYS E 31 -9.54 3.37 38.75
CA CYS E 31 -8.51 2.34 38.84
C CYS E 31 -7.15 2.90 39.24
N SER E 32 -6.77 4.06 38.69
CA SER E 32 -5.53 4.73 39.11
C SER E 32 -5.56 5.08 40.61
N ALA E 33 -6.67 5.64 41.06
CA ALA E 33 -6.84 5.97 42.46
C ALA E 33 -6.73 4.73 43.35
N ALA E 34 -7.26 3.60 42.89
CA ALA E 34 -7.13 2.33 43.63
C ALA E 34 -5.70 1.81 43.71
N TRP E 35 -4.96 1.87 42.59
CA TRP E 35 -3.58 1.39 42.60
C TRP E 35 -2.74 2.14 43.64
N LYS E 36 -3.01 3.44 43.77
CA LYS E 36 -2.32 4.28 44.72
C LYS E 36 -2.70 3.86 46.15
N ALA E 37 -3.98 3.62 46.37
CA ALA E 37 -4.43 3.15 47.68
C ALA E 37 -3.79 1.82 48.08
N ASP E 38 -3.69 0.90 47.12
CA ASP E 38 -3.13 -0.42 47.35
C ASP E 38 -1.61 -0.47 47.43
N GLY E 39 -0.94 0.63 47.12
CA GLY E 39 0.51 0.69 47.14
C GLY E 39 1.18 -0.07 46.01
N VAL E 40 0.42 -0.41 44.97
CA VAL E 40 1.02 -1.11 43.85
C VAL E 40 1.71 -0.12 42.94
N CYS E 41 1.30 1.13 43.07
CA CYS E 41 2.00 2.23 42.41
C CYS E 41 2.46 3.25 43.44
N SER E 42 3.75 3.28 43.75
CA SER E 42 4.26 4.21 44.74
C SER E 42 5.28 5.23 44.17
N THR E 43 5.50 6.32 44.90
CA THR E 43 6.34 7.40 44.45
C THR E 43 7.42 7.77 45.47
N VAL E 44 8.00 6.77 46.08
CA VAL E 44 8.91 6.95 47.16
C VAL E 44 10.19 7.64 46.75
N ALA E 45 10.81 7.20 45.68
CA ALA E 45 12.04 7.80 45.19
C ALA E 45 11.92 9.22 44.69
N GLY E 46 10.84 9.50 44.01
CA GLY E 46 10.44 10.81 43.61
C GLY E 46 10.29 11.84 44.72
N SER E 47 9.84 11.40 45.88
CA SER E 47 9.69 12.22 47.03
C SER E 47 10.90 12.40 47.88
N ARG E 48 11.94 11.66 47.62
CA ARG E 48 13.12 11.71 48.41
C ARG E 48 13.72 13.07 48.28
N PRO E 49 14.23 13.63 49.46
CA PRO E 49 14.68 15.01 49.33
C PRO E 49 15.89 15.30 48.46
N GLU E 50 16.71 14.34 48.14
CA GLU E 50 17.69 14.52 47.09
C GLU E 50 17.15 14.51 45.67
N ASN E 51 15.85 14.27 45.47
CA ASN E 51 15.31 14.21 44.13
C ASN E 51 14.22 15.23 43.83
N VAL E 52 13.51 15.70 44.85
CA VAL E 52 12.42 16.66 44.61
C VAL E 52 12.77 17.77 43.61
N ARG E 53 13.96 18.37 43.73
CA ARG E 53 14.29 19.51 42.85
C ARG E 53 14.41 19.09 41.38
N LYS E 54 14.47 17.79 41.13
CA LYS E 54 14.59 17.26 39.77
C LYS E 54 13.22 16.98 39.09
N ASN E 55 12.15 17.17 39.84
CA ASN E 55 10.81 17.10 39.27
C ASN E 55 10.35 18.47 38.82
N ARG E 56 9.96 18.56 37.55
CA ARG E 56 9.32 19.76 37.03
C ARG E 56 8.04 20.13 37.82
N TYR E 57 7.26 19.14 38.21
CA TYR E 57 5.96 19.39 38.89
C TYR E 57 5.83 18.59 40.17
N LYS E 58 5.32 19.23 41.21
CA LYS E 58 5.14 18.59 42.51
C LYS E 58 4.16 17.41 42.49
N ASP E 59 3.16 17.48 41.62
CA ASP E 59 2.14 16.43 41.55
C ASP E 59 2.37 15.40 40.44
N VAL E 60 3.59 15.34 39.91
CA VAL E 60 3.94 14.34 38.88
C VAL E 60 5.23 13.64 39.25
N LEU E 61 5.10 12.49 39.89
CA LEU E 61 6.24 11.69 40.27
C LEU E 61 6.17 10.35 39.56
N PRO E 62 7.32 9.80 39.17
CA PRO E 62 7.39 8.48 38.52
C PRO E 62 7.08 7.37 39.50
N TYR E 63 6.42 6.32 39.04
CA TYR E 63 6.20 5.13 39.85
C TYR E 63 7.53 4.38 40.12
N ASP E 64 7.73 3.97 41.36
CA ASP E 64 8.90 3.16 41.72
C ASP E 64 9.01 1.90 40.89
N GLN E 65 7.87 1.30 40.58
CA GLN E 65 7.80 -0.02 39.96
C GLN E 65 8.46 -0.09 38.56
N THR E 66 8.42 1.03 37.83
CA THR E 66 8.86 1.05 36.45
C THR E 66 9.75 2.25 36.13
N ARG E 67 10.33 2.89 37.17
CA ARG E 67 11.14 4.07 36.90
C ARG E 67 12.47 3.78 36.22
N VAL E 68 12.87 4.71 35.39
CA VAL E 68 14.12 4.63 34.70
C VAL E 68 15.22 4.80 35.75
N ILE E 69 16.12 3.85 35.83
CA ILE E 69 17.21 3.92 36.74
C ILE E 69 18.49 4.18 35.97
N LEU E 70 19.25 5.15 36.39
CA LEU E 70 20.41 5.58 35.66
C LEU E 70 21.65 5.14 36.33
N SER E 71 22.49 4.47 35.60
CA SER E 71 23.68 3.91 36.15
C SER E 71 24.95 4.47 35.53
N LEU E 72 24.81 5.28 34.50
CA LEU E 72 25.92 5.82 33.77
C LEU E 72 26.45 6.99 34.49
N LEU E 73 27.74 7.04 34.72
CA LEU E 73 28.37 8.13 35.44
C LEU E 73 28.12 8.01 36.92
N GLN E 74 27.71 6.85 37.32
CA GLN E 74 27.36 6.59 38.65
C GLN E 74 28.61 6.44 39.50
N GLU E 75 29.66 5.87 38.94
CA GLU E 75 30.92 5.75 39.65
C GLU E 75 31.48 7.10 39.99
N GLU E 76 30.91 8.13 39.40
CA GLU E 76 31.30 9.48 39.70
C GLU E 76 30.37 10.09 40.71
N HIS E 78 26.92 10.53 40.47
CA HIS E 78 25.64 10.81 39.82
C HIS E 78 24.52 9.98 40.36
N SER E 79 23.43 10.65 40.65
CA SER E 79 22.21 10.05 41.11
C SER E 79 21.67 9.11 40.07
N ASP E 80 20.95 8.11 40.53
CA ASP E 80 20.22 7.26 39.65
C ASP E 80 18.88 7.80 39.18
N TYR E 81 18.52 9.01 39.57
CA TYR E 81 17.18 9.55 39.39
C TYR E 81 16.87 10.48 38.22
N ILE E 82 15.85 10.11 37.49
CA ILE E 82 15.20 10.92 36.51
C ILE E 82 13.69 10.74 36.64
N ASN E 83 12.92 11.78 36.42
CA ASN E 83 11.49 11.68 36.39
C ASN E 83 11.07 11.11 35.09
N GLY E 84 11.06 9.81 35.03
CA GLY E 84 10.74 9.03 33.84
C GLY E 84 10.47 7.58 34.15
N ASN E 85 9.73 6.92 33.26
CA ASN E 85 9.33 5.53 33.43
C ASN E 85 9.45 4.71 32.16
N PHE E 86 9.76 3.41 32.29
CA PHE E 86 9.68 2.52 31.14
C PHE E 86 8.22 2.16 30.88
N ILE E 87 7.85 2.02 29.62
CA ILE E 87 6.53 1.46 29.30
C ILE E 87 6.79 0.23 28.43
N ARG E 88 6.14 -0.88 28.78
CA ARG E 88 6.31 -2.10 27.98
C ARG E 88 5.61 -2.01 26.65
N GLY E 89 6.21 -2.64 25.65
CA GLY E 89 5.70 -2.61 24.29
C GLY E 89 4.87 -3.85 24.02
N VAL E 90 4.33 -3.93 22.80
CA VAL E 90 3.44 -5.03 22.43
C VAL E 90 4.05 -6.42 22.65
N ASP E 91 5.35 -6.56 22.37
CA ASP E 91 6.03 -7.83 22.54
C ASP E 91 6.49 -8.05 23.98
N GLY E 92 6.13 -7.11 24.86
CA GLY E 92 6.49 -7.21 26.26
C GLY E 92 7.87 -6.64 26.61
N SER E 93 8.54 -6.06 25.62
CA SER E 93 9.86 -5.48 25.85
C SER E 93 9.71 -4.04 26.34
N LEU E 94 10.81 -3.44 26.80
CA LEU E 94 10.79 -2.03 27.16
C LEU E 94 10.82 -1.16 25.90
N ALA E 95 9.64 -0.87 25.36
CA ALA E 95 9.52 -0.14 24.10
C ALA E 95 9.63 1.38 24.22
N TYR E 96 9.10 1.94 25.30
CA TYR E 96 9.12 3.40 25.49
C TYR E 96 9.80 3.81 26.80
N ILE E 97 10.32 5.02 26.81
CA ILE E 97 10.67 5.71 28.03
C ILE E 97 9.88 6.99 28.02
N ALA E 98 8.97 7.13 28.98
CA ALA E 98 8.13 8.32 29.06
C ALA E 98 8.73 9.23 30.13
N THR E 99 9.14 10.42 29.74
CA THR E 99 9.89 11.30 30.67
C THR E 99 9.41 12.77 30.56
N GLN E 100 9.64 13.57 31.59
CA GLN E 100 9.26 14.98 31.56
C GLN E 100 10.19 15.82 30.69
N GLY E 101 9.76 17.01 30.29
CA GLY E 101 10.65 17.95 29.63
C GLY E 101 11.79 18.37 30.56
N PRO E 102 13.04 18.07 30.18
CA PRO E 102 14.15 18.31 31.10
C PRO E 102 14.20 19.74 31.64
N LEU E 103 14.64 19.89 32.88
CA LEU E 103 14.91 21.21 33.47
C LEU E 103 16.36 21.64 33.17
N PRO E 104 16.69 22.92 33.40
CA PRO E 104 18.08 23.37 33.13
C PRO E 104 19.10 22.47 33.83
N HIS E 105 18.82 22.12 35.09
CA HIS E 105 19.71 21.26 35.83
C HIS E 105 19.46 19.77 35.68
N THR E 106 18.52 19.34 34.82
CA THR E 106 18.44 17.90 34.50
C THR E 106 18.80 17.56 33.06
N LEU E 107 19.29 18.55 32.29
CA LEU E 107 19.78 18.31 30.92
C LEU E 107 20.77 17.18 30.83
N LEU E 108 21.73 17.16 31.75
CA LEU E 108 22.75 16.11 31.79
C LEU E 108 22.13 14.75 32.05
N ASP E 109 21.18 14.69 32.99
CA ASP E 109 20.49 13.44 33.27
C ASP E 109 19.73 12.95 32.07
N PHE E 110 19.16 13.88 31.31
CA PHE E 110 18.45 13.52 30.12
C PHE E 110 19.35 12.86 29.07
N TRP E 111 20.53 13.44 28.84
CA TRP E 111 21.51 12.80 27.97
C TRP E 111 22.15 11.50 28.56
N ARG E 112 22.31 11.41 29.88
CA ARG E 112 22.68 10.13 30.47
C ARG E 112 21.66 9.06 30.07
N LEU E 113 20.38 9.39 30.18
CA LEU E 113 19.31 8.46 29.80
C LEU E 113 19.43 8.03 28.33
N VAL E 114 19.52 9.00 27.44
CA VAL E 114 19.62 8.74 26.01
C VAL E 114 20.83 7.85 25.71
N TRP E 115 21.94 8.15 26.36
CA TRP E 115 23.16 7.41 26.10
C TRP E 115 23.09 6.00 26.65
N GLU E 116 22.73 5.86 27.92
CA GLU E 116 22.78 4.55 28.59
C GLU E 116 21.88 3.51 27.92
N PHE E 117 20.72 3.96 27.44
CA PHE E 117 19.75 3.03 26.87
C PHE E 117 19.75 2.98 25.33
N GLY E 118 20.77 3.58 24.74
CA GLY E 118 20.98 3.48 23.30
C GLY E 118 19.87 4.07 22.48
N VAL E 119 19.22 5.09 23.02
CA VAL E 119 18.09 5.73 22.36
C VAL E 119 18.48 6.30 20.99
N LYS E 120 17.66 6.00 19.97
CA LYS E 120 17.92 6.52 18.64
C LYS E 120 16.95 7.61 18.23
N VAL E 121 15.74 7.54 18.77
CA VAL E 121 14.69 8.47 18.36
C VAL E 121 14.03 9.09 19.59
N ILE E 122 13.96 10.41 19.61
CA ILE E 122 13.28 11.11 20.68
C ILE E 122 12.02 11.75 20.12
N LEU E 123 10.89 11.53 20.77
CA LEU E 123 9.65 12.21 20.37
C LEU E 123 9.26 13.27 21.37
N MET E 124 9.16 14.52 20.91
CA MET E 124 8.77 15.62 21.76
C MET E 124 7.40 16.13 21.34
N ALA E 125 6.44 16.18 22.28
CA ALA E 125 5.07 16.61 21.98
C ALA E 125 4.68 17.97 22.57
N CYS E 126 5.64 18.75 23.04
CA CYS E 126 5.37 20.07 23.57
C CYS E 126 6.37 21.09 23.00
N ARG E 127 6.22 22.35 23.43
CA ARG E 127 7.09 23.47 23.02
C ARG E 127 7.80 23.99 24.26
N GLU E 128 8.91 24.68 24.07
CA GLU E 128 9.70 25.19 25.21
C GLU E 128 8.87 26.16 26.04
N ILE E 129 8.04 26.94 25.38
CA ILE E 129 7.22 27.91 26.02
C ILE E 129 5.78 27.71 25.65
N GLU E 130 4.96 27.42 26.63
CA GLU E 130 3.58 27.20 26.35
C GLU E 130 2.60 28.32 26.65
N ASN E 131 2.28 28.65 27.89
CA ASN E 131 1.32 29.78 28.10
C ASN E 131 1.93 30.92 28.82
N GLY E 132 2.99 31.44 28.23
CA GLY E 132 3.88 32.32 28.91
C GLY E 132 4.87 31.55 29.72
N ARG E 133 4.73 30.24 29.79
CA ARG E 133 5.54 29.48 30.71
C ARG E 133 6.59 28.62 30.06
N LYS E 134 7.75 28.57 30.67
CA LYS E 134 8.79 27.67 30.26
C LYS E 134 8.41 26.26 30.61
N ARG E 135 8.33 25.39 29.63
CA ARG E 135 7.77 24.08 29.86
C ARG E 135 8.71 22.97 29.49
N CYS E 136 9.81 23.31 28.88
CA CYS E 136 10.82 22.38 28.54
C CYS E 136 12.03 23.23 28.29
N GLU E 137 13.17 22.69 28.59
CA GLU E 137 14.44 23.31 28.19
C GLU E 137 14.85 22.72 26.87
N ARG E 138 15.46 23.55 26.02
CA ARG E 138 16.06 23.04 24.80
C ARG E 138 17.21 22.13 25.22
N TYR E 139 17.14 20.87 24.83
CA TYR E 139 18.20 19.93 25.10
C TYR E 139 18.93 19.55 23.82
N TRP E 140 18.51 20.12 22.68
CA TRP E 140 19.11 19.79 21.38
C TRP E 140 20.03 20.89 20.93
N ALA E 141 20.89 20.58 19.99
CA ALA E 141 21.82 21.58 19.52
C ALA E 141 21.16 22.49 18.48
N GLN E 142 21.63 23.71 18.42
CA GLN E 142 21.30 24.56 17.30
C GLN E 142 22.41 24.63 16.26
N GLU E 143 22.05 25.09 15.09
CA GLU E 143 23.02 25.25 14.04
C GLU E 143 23.80 26.51 14.40
N GLN E 144 25.11 26.35 14.57
CA GLN E 144 26.07 27.33 15.12
C GLN E 144 26.14 27.47 16.66
N GLU E 145 25.39 26.65 17.41
CA GLU E 145 25.59 26.49 18.85
C GLU E 145 25.46 25.01 19.22
N PRO E 146 26.59 24.29 19.30
CA PRO E 146 26.44 22.94 19.81
C PRO E 146 26.13 23.04 21.31
N LEU E 147 25.56 21.99 21.88
CA LEU E 147 25.18 22.01 23.28
C LEU E 147 26.04 21.07 24.08
N GLN E 148 26.59 21.59 25.17
CA GLN E 148 27.40 20.80 26.09
C GLN E 148 26.84 20.71 27.52
N THR E 149 26.60 19.48 27.97
CA THR E 149 26.40 19.22 29.40
C THR E 149 27.34 18.13 29.85
N GLY E 150 28.03 18.37 30.97
CA GLY E 150 29.00 17.42 31.46
C GLY E 150 29.91 17.03 30.32
N LEU E 151 29.98 15.74 30.03
CA LEU E 151 30.96 15.18 29.12
C LEU E 151 30.39 15.00 27.72
N PHE E 152 29.13 15.37 27.55
CA PHE E 152 28.45 15.18 26.27
C PHE E 152 28.54 16.43 25.45
N CYS E 153 28.74 16.24 24.16
CA CYS E 153 28.66 17.35 23.24
C CYS E 153 27.58 16.98 22.24
N ILE E 154 26.57 17.84 22.16
CA ILE E 154 25.46 17.63 21.26
C ILE E 154 25.59 18.59 20.09
N THR E 155 25.54 18.03 18.89
CA THR E 155 25.77 18.79 17.67
C THR E 155 24.60 18.61 16.69
N LEU E 156 24.11 19.72 16.14
CA LEU E 156 23.03 19.67 15.16
C LEU E 156 23.58 19.45 13.76
N ILE E 157 23.28 18.30 13.16
CA ILE E 157 23.70 17.99 11.80
C ILE E 157 22.82 18.72 10.78
N LYS E 158 21.58 18.27 10.63
CA LYS E 158 20.61 18.93 9.75
C LYS E 158 19.23 18.99 10.37
N GLU E 159 18.42 19.92 9.86
CA GLU E 159 17.09 20.18 10.38
C GLU E 159 16.12 20.30 9.19
N LYS E 160 14.93 19.73 9.32
CA LYS E 160 13.90 19.92 8.30
C LYS E 160 12.52 19.65 8.89
N TRP E 161 11.48 20.01 8.16
CA TRP E 161 10.11 19.70 8.57
C TRP E 161 9.70 18.35 7.95
N LEU E 162 9.17 17.47 8.79
CA LEU E 162 8.59 16.23 8.30
C LEU E 162 7.32 16.66 7.59
N ASN E 163 6.59 17.55 8.25
CA ASN E 163 5.45 18.22 7.65
C ASN E 163 5.30 19.53 8.37
N GLU E 164 4.16 20.19 8.23
CA GLU E 164 4.04 21.57 8.72
C GLU E 164 4.04 21.66 10.24
N ASP E 165 3.73 20.55 10.90
CA ASP E 165 3.61 20.52 12.34
C ASP E 165 4.82 19.94 13.05
N ILE E 166 5.67 19.24 12.31
CA ILE E 166 6.74 18.46 12.92
C ILE E 166 8.13 18.78 12.41
N MET E 167 9.04 19.10 13.34
CA MET E 167 10.43 19.33 13.00
C MET E 167 11.24 18.05 13.24
N LEU E 168 12.04 17.70 12.24
CA LEU E 168 12.92 16.54 12.33
C LEU E 168 14.37 17.03 12.40
N ARG E 169 14.99 16.82 13.56
CA ARG E 169 16.36 17.25 13.77
C ARG E 169 17.26 16.03 13.78
N THR E 170 18.32 16.09 12.98
CA THR E 170 19.34 15.05 13.02
C THR E 170 20.47 15.52 13.94
N LEU E 171 20.62 14.87 15.09
CA LEU E 171 21.63 15.26 16.06
C LEU E 171 22.76 14.26 16.09
N LYS E 172 23.94 14.76 16.46
CA LYS E 172 25.06 13.89 16.82
C LYS E 172 25.36 14.14 18.30
N VAL E 173 25.51 13.04 19.06
CA VAL E 173 25.95 13.15 20.45
C VAL E 173 27.28 12.40 20.58
N THR E 174 28.27 13.05 21.20
CA THR E 174 29.54 12.38 21.41
C THR E 174 29.83 12.39 22.88
N PHE E 175 30.37 11.26 23.35
CA PHE E 175 30.66 11.05 24.74
C PHE E 175 31.87 10.15 24.79
N GLN E 176 32.94 10.66 25.41
CA GLN E 176 34.19 9.91 25.56
C GLN E 176 34.61 9.23 24.26
N LYS E 177 34.78 10.01 23.20
CA LYS E 177 35.30 9.52 21.92
C LYS E 177 34.35 8.65 21.09
N GLU E 178 33.22 8.25 21.66
CA GLU E 178 32.24 7.51 20.87
C GLU E 178 31.19 8.49 20.31
N SER E 179 30.70 8.23 19.11
CA SER E 179 29.74 9.12 18.47
C SER E 179 28.48 8.35 18.06
N ARG E 180 27.34 9.03 18.11
CA ARG E 180 26.07 8.41 17.73
C ARG E 180 25.11 9.40 17.12
N SER E 181 24.28 8.90 16.22
CA SER E 181 23.20 9.71 15.67
C SER E 181 21.94 9.55 16.52
N VAL E 182 21.31 10.67 16.83
CA VAL E 182 20.05 10.65 17.55
C VAL E 182 19.08 11.53 16.79
N TYR E 183 17.90 11.00 16.50
CA TYR E 183 16.89 11.80 15.79
C TYR E 183 15.83 12.34 16.75
N GLN E 184 15.47 13.61 16.59
CA GLN E 184 14.44 14.18 17.43
C GLN E 184 13.29 14.65 16.55
N LEU E 185 12.08 14.17 16.84
CA LEU E 185 10.90 14.69 16.18
C LEU E 185 10.14 15.56 17.18
N GLN E 186 9.84 16.81 16.83
CA GLN E 186 9.07 17.68 17.69
C GLN E 186 7.75 18.11 17.07
N TYR E 187 6.68 17.87 17.81
CA TYR E 187 5.34 18.26 17.40
C TYR E 187 5.00 19.59 18.01
N MET E 188 4.70 20.57 17.14
CA MET E 188 4.68 21.99 17.48
C MET E 188 3.38 22.54 18.03
N SER E 189 2.26 21.94 17.68
CA SER E 189 1.01 22.52 18.14
C SER E 189 0.10 21.50 18.74
N TRP E 190 0.55 20.90 19.82
CA TRP E 190 -0.26 20.01 20.57
C TRP E 190 -0.29 20.52 21.97
N PRO E 191 -1.49 21.14 22.29
CA PRO E 191 -1.56 21.62 23.66
C PRO E 191 -1.81 20.57 24.69
N ASP E 192 -1.41 20.95 25.87
CA ASP E 192 -1.75 20.34 27.11
C ASP E 192 -3.20 20.03 27.34
N ARG E 193 -3.48 18.82 27.73
CA ARG E 193 -4.80 18.37 28.02
C ARG E 193 -5.65 18.26 26.79
N GLY E 194 -5.09 18.65 25.68
CA GLY E 194 -5.77 18.70 24.43
C GLY E 194 -5.20 17.80 23.39
N VAL E 195 -5.63 18.01 22.18
CA VAL E 195 -5.34 17.10 21.12
C VAL E 195 -4.74 17.82 19.95
N PRO E 196 -3.88 17.05 19.17
CA PRO E 196 -3.28 17.77 18.06
C PRO E 196 -4.13 18.39 16.99
N SER E 197 -3.37 19.09 16.18
CA SER E 197 -3.79 19.90 15.07
C SER E 197 -4.03 19.03 13.85
N SER E 198 -3.18 18.04 13.65
CA SER E 198 -3.44 17.05 12.66
C SER E 198 -3.28 15.65 13.22
N PRO E 199 -4.48 15.01 13.57
CA PRO E 199 -4.29 13.59 13.83
C PRO E 199 -3.52 12.86 12.76
N ASP E 200 -3.46 13.38 11.55
CA ASP E 200 -2.78 12.70 10.49
C ASP E 200 -1.30 12.90 10.58
N HIS E 201 -0.95 14.04 11.11
CA HIS E 201 0.41 14.46 11.31
C HIS E 201 1.05 13.72 12.43
N MET E 202 0.28 13.55 13.49
CA MET E 202 0.64 12.73 14.59
C MET E 202 0.94 11.31 14.15
N LEU E 203 0.17 10.79 13.23
CA LEU E 203 0.41 9.45 12.71
C LEU E 203 1.71 9.39 11.93
N ALA E 204 1.94 10.40 11.09
CA ALA E 204 3.18 10.47 10.34
C ALA E 204 4.40 10.54 11.29
N MET E 205 4.23 11.21 12.43
CA MET E 205 5.34 11.32 13.38
C MET E 205 5.71 9.92 13.82
N VAL E 206 4.70 9.16 14.17
CA VAL E 206 4.90 7.80 14.60
C VAL E 206 5.50 6.96 13.47
N GLU E 207 5.01 7.19 12.26
CA GLU E 207 5.50 6.46 11.08
C GLU E 207 6.98 6.76 10.87
N GLU E 208 7.33 8.05 10.93
CA GLU E 208 8.71 8.47 10.78
C GLU E 208 9.62 7.97 11.89
N ALA E 209 9.13 8.00 13.12
CA ALA E 209 9.91 7.54 14.25
C ALA E 209 10.27 6.09 14.05
N ARG E 210 9.36 5.34 13.49
CA ARG E 210 9.55 3.94 13.26
C ARG E 210 10.52 3.59 12.15
N ARG E 211 10.55 4.41 11.14
CA ARG E 211 11.51 4.30 10.12
C ARG E 211 12.89 4.62 10.64
N LEU E 212 13.01 5.74 11.32
CA LEU E 212 14.28 6.19 11.83
C LEU E 212 14.87 5.21 12.79
N GLN E 213 14.01 4.52 13.50
CA GLN E 213 14.44 3.60 14.49
C GLN E 213 15.00 2.34 13.92
N GLY E 214 14.62 1.98 12.70
CA GLY E 214 15.18 0.83 12.06
C GLY E 214 15.09 -0.37 12.97
N SER E 215 15.91 -1.40 12.79
CA SER E 215 15.84 -2.53 13.69
C SER E 215 16.18 -2.09 15.06
N GLY E 216 16.38 -3.03 15.94
CA GLY E 216 16.93 -2.73 17.22
C GLY E 216 16.07 -2.72 18.45
N PRO E 217 16.73 -3.24 19.56
CA PRO E 217 15.89 -3.35 20.75
C PRO E 217 15.66 -2.07 21.63
N GLU E 218 16.42 -1.01 21.41
CA GLU E 218 16.41 0.24 22.13
C GLU E 218 15.03 0.93 22.09
N PRO E 219 14.55 1.38 23.25
CA PRO E 219 13.24 2.07 23.35
C PRO E 219 13.21 3.43 22.67
N LEU E 220 12.04 3.83 22.16
CA LEU E 220 11.81 5.23 21.82
C LEU E 220 11.74 6.03 23.12
N CYS E 221 12.33 7.22 23.11
CA CYS E 221 12.18 8.15 24.23
C CYS E 221 11.06 9.09 23.90
N VAL E 222 10.06 9.17 24.77
CA VAL E 222 8.91 10.04 24.46
C VAL E 222 8.67 11.02 25.59
N HIS E 223 8.49 12.29 25.26
CA HIS E 223 8.22 13.27 26.31
C HIS E 223 7.36 14.44 25.87
N SER E 224 6.90 15.16 26.87
CA SER E 224 6.13 16.36 26.71
C SER E 224 6.64 17.23 27.84
N SER E 225 5.79 18.02 28.48
CA SER E 225 6.27 18.85 29.57
C SER E 225 6.33 18.00 30.87
N ALA E 226 5.21 17.42 31.27
CA ALA E 226 5.19 16.58 32.45
C ALA E 226 5.53 15.13 32.11
N GLY E 227 5.40 14.75 30.84
CA GLY E 227 5.62 13.37 30.48
C GLY E 227 4.37 12.57 30.82
N CYS E 228 3.21 13.21 30.83
CA CYS E 228 1.96 12.48 31.05
C CYS E 228 1.03 12.39 29.84
N GLY E 229 0.13 13.37 29.74
CA GLY E 229 -0.95 13.34 28.77
C GLY E 229 -0.51 13.16 27.33
N ARG E 230 0.28 14.10 26.83
CA ARG E 230 0.68 14.04 25.43
C ARG E 230 1.67 12.91 25.16
N THR E 231 2.44 12.59 26.18
CA THR E 231 3.36 11.46 26.09
C THR E 231 2.58 10.14 25.96
N GLY E 232 1.61 9.96 26.85
CA GLY E 232 0.80 8.76 26.92
C GLY E 232 0.02 8.51 25.65
N VAL E 233 -0.51 9.58 25.05
CA VAL E 233 -1.22 9.45 23.78
C VAL E 233 -0.29 8.95 22.68
N LEU E 234 0.92 9.49 22.58
CA LEU E 234 1.86 9.01 21.55
C LEU E 234 2.18 7.53 21.73
N CYS E 235 2.52 7.14 22.94
CA CYS E 235 2.88 5.76 23.20
C CYS E 235 1.73 4.83 22.86
N THR E 236 0.52 5.28 23.15
CA THR E 236 -0.64 4.45 22.96
C THR E 236 -0.91 4.31 21.48
N VAL E 237 -0.78 5.41 20.76
CA VAL E 237 -0.93 5.37 19.33
C VAL E 237 0.09 4.45 18.68
N ASP E 238 1.34 4.55 19.09
CA ASP E 238 2.37 3.68 18.49
C ASP E 238 2.16 2.22 18.85
N TYR E 239 1.79 1.99 20.10
CA TYR E 239 1.54 0.65 20.60
C TYR E 239 0.44 -0.05 19.81
N VAL E 240 -0.69 0.64 19.61
CA VAL E 240 -1.80 0.03 18.88
C VAL E 240 -1.45 -0.19 17.43
N ARG E 241 -0.71 0.77 16.84
CA ARG E 241 -0.21 0.64 15.47
C ARG E 241 0.68 -0.59 15.28
N GLN E 242 1.56 -0.85 16.24
CA GLN E 242 2.40 -2.03 16.20
C GLN E 242 1.54 -3.26 16.23
N LEU E 243 0.51 -3.23 17.08
CA LEU E 243 -0.44 -4.34 17.16
C LEU E 243 -1.09 -4.62 15.80
N LEU E 244 -1.56 -3.57 15.15
CA LEU E 244 -2.15 -3.69 13.82
C LEU E 244 -1.13 -4.22 12.80
N LEU E 245 0.04 -3.59 12.73
CA LEU E 245 1.10 -3.98 11.78
C LEU E 245 1.64 -5.39 11.98
N THR E 246 1.60 -5.86 13.21
CA THR E 246 2.11 -7.18 13.58
C THR E 246 0.95 -8.18 13.58
N GLN E 247 -0.24 -7.76 13.20
CA GLN E 247 -1.41 -8.65 13.19
C GLN E 247 -1.55 -9.45 14.50
N MET E 248 -1.26 -8.74 15.57
CA MET E 248 -1.22 -9.29 16.88
C MET E 248 -2.41 -8.86 17.70
N ILE E 249 -3.43 -8.27 17.09
CA ILE E 249 -4.60 -7.76 17.82
C ILE E 249 -5.38 -8.87 18.52
N PRO E 250 -5.39 -8.81 19.92
CA PRO E 250 -6.20 -9.84 20.55
C PRO E 250 -7.64 -9.84 20.15
N PRO E 251 -8.29 -11.06 20.38
CA PRO E 251 -9.69 -11.06 19.92
C PRO E 251 -10.69 -10.34 20.87
N ASP E 252 -10.28 -10.02 22.09
CA ASP E 252 -11.08 -9.23 23.01
C ASP E 252 -10.39 -7.93 23.31
N PHE E 253 -9.78 -7.37 22.29
CA PHE E 253 -8.92 -6.21 22.40
C PHE E 253 -9.66 -5.03 22.95
N SER E 254 -9.08 -4.39 23.93
CA SER E 254 -9.71 -3.26 24.54
C SER E 254 -8.76 -2.11 24.65
N LEU E 255 -9.28 -0.96 24.31
CA LEU E 255 -8.57 0.27 24.44
C LEU E 255 -8.60 0.70 25.88
N PHE E 256 -9.64 0.32 26.58
CA PHE E 256 -9.73 0.52 27.98
C PHE E 256 -8.61 -0.19 28.68
N ASP E 257 -8.35 -1.44 28.35
CA ASP E 257 -7.22 -2.18 28.95
C ASP E 257 -5.84 -1.60 28.57
N VAL E 258 -5.72 -1.11 27.35
CA VAL E 258 -4.45 -0.63 26.89
C VAL E 258 -4.13 0.62 27.71
N VAL E 259 -5.08 1.54 27.79
CA VAL E 259 -4.84 2.78 28.53
C VAL E 259 -4.63 2.53 30.02
N LEU E 260 -5.33 1.51 30.55
CA LEU E 260 -5.12 1.07 31.92
C LEU E 260 -3.68 0.63 32.11
N LYS E 261 -3.24 -0.28 31.24
CA LYS E 261 -1.87 -0.78 31.28
C LYS E 261 -0.84 0.38 31.21
N MET E 262 -1.05 1.36 30.33
CA MET E 262 -0.18 2.52 30.22
C MET E 262 -0.10 3.34 31.52
N ARG E 263 -1.27 3.58 32.12
CA ARG E 263 -1.37 4.34 33.34
C ARG E 263 -0.78 3.65 34.57
N LYS E 264 -0.53 2.35 34.46
CA LYS E 264 0.05 1.63 35.58
C LYS E 264 1.56 1.81 35.54
N GLN E 265 2.07 2.21 34.38
CA GLN E 265 3.52 2.34 34.23
C GLN E 265 4.01 3.80 34.26
N ARG E 266 3.17 4.73 33.80
CA ARG E 266 3.50 6.15 33.81
C ARG E 266 2.27 6.91 34.26
N PRO E 267 2.38 7.67 35.36
CA PRO E 267 1.19 8.31 35.92
C PRO E 267 0.46 9.20 34.91
N ALA E 268 -0.86 9.14 34.95
CA ALA E 268 -1.73 9.96 34.13
C ALA E 268 -1.29 9.92 32.68
N ALA E 269 -0.83 8.74 32.23
CA ALA E 269 -0.50 8.54 30.82
C ALA E 269 -1.84 8.55 30.12
N VAL E 270 -2.06 9.52 29.26
CA VAL E 270 -3.44 9.87 28.84
C VAL E 270 -4.14 10.61 29.98
N GLN E 271 -4.10 11.95 29.92
CA GLN E 271 -4.49 12.79 31.04
C GLN E 271 -5.99 13.13 31.15
N THR E 272 -6.63 13.40 30.04
CA THR E 272 -7.99 13.94 30.06
C THR E 272 -8.95 13.15 29.22
N GLU E 273 -10.24 13.25 29.57
CA GLU E 273 -11.31 12.64 28.79
C GLU E 273 -11.17 12.98 27.30
N GLU E 274 -10.86 14.23 27.00
CA GLU E 274 -10.74 14.64 25.62
C GLU E 274 -9.69 13.81 24.85
N GLN E 275 -8.56 13.53 25.51
CA GLN E 275 -7.47 12.82 24.86
C GLN E 275 -7.86 11.35 24.70
N TYR E 276 -8.63 10.85 25.64
CA TYR E 276 -9.13 9.49 25.56
C TYR E 276 -10.05 9.31 24.34
N ARG E 277 -11.03 10.22 24.18
CA ARG E 277 -11.92 10.23 23.01
C ARG E 277 -11.11 10.32 21.74
N PHE E 278 -10.10 11.18 21.78
CA PHE E 278 -9.19 11.33 20.65
C PHE E 278 -8.44 10.02 20.29
N LEU E 279 -7.97 9.29 21.29
CA LEU E 279 -7.42 7.95 21.09
C LEU E 279 -8.38 7.01 20.37
N TYR E 280 -9.65 7.03 20.76
CA TYR E 280 -10.66 6.21 20.10
C TYR E 280 -10.83 6.57 18.64
N HIS E 281 -11.01 7.85 18.36
CA HIS E 281 -11.18 8.33 16.99
C HIS E 281 -9.99 7.90 16.12
N THR E 282 -8.79 8.12 16.63
CA THR E 282 -7.53 7.76 15.95
C THR E 282 -7.35 6.26 15.68
N VAL E 283 -7.56 5.42 16.69
CA VAL E 283 -7.51 3.97 16.49
C VAL E 283 -8.57 3.55 15.46
N ALA E 284 -9.81 3.97 15.67
CA ALA E 284 -10.87 3.64 14.73
C ALA E 284 -10.42 3.93 13.31
N GLN E 285 -9.93 5.15 13.07
CA GLN E 285 -9.47 5.55 11.75
C GLN E 285 -8.40 4.60 11.25
N MET E 286 -7.41 4.33 12.10
CA MET E 286 -6.26 3.51 11.74
C MET E 286 -6.67 2.11 11.28
N PHE E 287 -7.71 1.55 11.89
CA PHE E 287 -8.21 0.22 11.50
C PHE E 287 -8.96 0.20 10.16
N CYS E 288 -9.68 1.27 9.85
CA CYS E 288 -10.40 1.36 8.58
C CYS E 288 -9.46 1.10 7.40
N SER E 289 -8.17 1.36 7.61
CA SER E 289 -7.19 1.23 6.55
C SER E 289 -6.26 0.04 6.78
N LEU F 1 3.03 25.27 36.23
CA LEU F 1 3.55 26.05 37.33
C LEU F 1 4.19 25.02 38.20
N GLN F 2 4.01 25.11 39.50
CA GLN F 2 4.39 24.02 40.37
C GLN F 2 3.50 22.78 40.22
N ARG F 3 2.33 22.91 39.60
CA ARG F 3 1.44 21.77 39.46
C ARG F 3 0.89 21.57 38.09
N SER F 5 -1.02 18.64 37.17
CA SER F 5 -2.32 18.00 37.11
C SER F 5 -3.37 18.84 37.78
N ASP G 1 -25.39 8.62 -26.28
CA ASP G 1 -26.44 8.34 -25.32
C ASP G 1 -26.22 9.17 -24.08
N SER G 2 -25.30 8.70 -23.25
CA SER G 2 -24.98 9.28 -22.00
C SER G 2 -24.85 10.76 -22.15
N ALA G 3 -24.54 11.18 -23.35
CA ALA G 3 -24.44 12.58 -23.63
C ALA G 3 -25.80 13.07 -24.04
N ARG G 4 -26.61 12.19 -24.59
CA ARG G 4 -27.92 12.62 -24.99
C ARG G 4 -28.90 12.47 -23.85
N SER G 5 -28.56 11.61 -22.93
CA SER G 5 -29.35 11.41 -21.75
C SER G 5 -29.34 12.65 -20.86
N PHE G 6 -28.16 13.19 -20.58
CA PHE G 6 -28.02 14.42 -19.82
C PHE G 6 -28.77 15.58 -20.47
N LEU G 7 -28.61 15.72 -21.77
CA LEU G 7 -29.30 16.75 -22.49
C LEU G 7 -30.76 16.48 -22.35
N GLU G 8 -31.11 15.22 -22.25
CA GLU G 8 -32.47 14.86 -22.05
C GLU G 8 -32.83 15.21 -20.66
N ARG G 9 -31.88 15.18 -19.76
CA ARG G 9 -32.15 15.41 -18.37
C ARG G 9 -32.12 16.88 -18.07
N LEU G 10 -32.29 17.66 -19.12
CA LEU G 10 -32.46 19.09 -19.03
C LEU G 10 -33.84 19.60 -19.43
N VAL G 20 -34.52 26.55 -11.47
CA VAL G 20 -34.43 26.24 -10.05
C VAL G 20 -34.02 24.79 -9.80
N LEU G 21 -32.72 24.47 -9.85
CA LEU G 21 -31.57 25.37 -10.15
C LEU G 21 -31.19 26.39 -9.07
N ALA G 22 -32.06 27.33 -8.74
CA ALA G 22 -31.88 28.09 -7.51
C ALA G 22 -31.89 27.11 -6.32
N GLY G 23 -32.81 26.14 -6.36
CA GLY G 23 -32.88 25.11 -5.35
C GLY G 23 -31.62 24.26 -5.35
N GLU G 24 -31.16 23.92 -6.52
CA GLU G 24 -29.99 23.12 -6.66
C GLU G 24 -28.68 23.77 -6.17
N PHE G 25 -28.52 25.06 -6.39
CA PHE G 25 -27.33 25.76 -5.95
C PHE G 25 -27.42 26.04 -4.47
N SER G 26 -28.61 26.28 -4.02
CA SER G 26 -28.87 26.48 -2.63
C SER G 26 -28.74 25.18 -1.91
N ASP G 27 -28.86 24.08 -2.63
CA ASP G 27 -28.61 22.78 -2.07
C ASP G 27 -27.12 22.47 -2.02
N ILE G 28 -26.37 22.93 -2.99
CA ILE G 28 -24.92 22.89 -3.00
C ILE G 28 -24.30 23.69 -1.84
N GLN G 29 -24.95 24.75 -1.45
CA GLN G 29 -24.47 25.59 -0.42
C GLN G 29 -24.72 25.06 0.96
N ALA G 30 -25.76 24.26 1.09
CA ALA G 30 -26.06 23.66 2.33
C ALA G 30 -25.14 22.47 2.59
N CYS G 31 -24.69 21.82 1.52
CA CYS G 31 -23.76 20.72 1.61
C CYS G 31 -22.37 21.18 1.98
N SER G 32 -22.00 22.36 1.57
CA SER G 32 -20.76 22.98 1.99
C SER G 32 -20.72 23.37 3.45
N ALA G 33 -21.76 23.99 3.90
CA ALA G 33 -21.94 24.32 5.30
C ALA G 33 -21.79 23.09 6.21
N ALA G 34 -22.32 21.95 5.76
CA ALA G 34 -22.20 20.68 6.50
C ALA G 34 -20.78 20.16 6.58
N TRP G 35 -20.03 20.24 5.47
CA TRP G 35 -18.63 19.76 5.47
C TRP G 35 -17.79 20.50 6.50
N LYS G 36 -18.03 21.80 6.60
CA LYS G 36 -17.36 22.64 7.59
C LYS G 36 -17.75 22.24 9.00
N ALA G 37 -19.04 21.98 9.22
CA ALA G 37 -19.49 21.53 10.53
C ALA G 37 -18.87 20.18 10.93
N ASP G 38 -18.76 19.27 9.97
CA ASP G 38 -18.18 17.95 10.20
C ASP G 38 -16.67 17.91 10.28
N GLY G 39 -16.01 19.02 9.97
CA GLY G 39 -14.55 19.08 9.99
C GLY G 39 -13.88 18.30 8.87
N VAL G 40 -14.63 17.95 7.82
CA VAL G 40 -14.03 17.22 6.72
C VAL G 40 -13.32 18.21 5.83
N CYS G 41 -13.71 19.47 5.96
CA CYS G 41 -13.04 20.57 5.28
C CYS G 41 -12.60 21.59 6.32
N SER G 42 -11.31 21.63 6.64
CA SER G 42 -10.81 22.59 7.61
C SER G 42 -9.83 23.62 7.02
N THR G 43 -9.57 24.68 7.79
CA THR G 43 -8.72 25.76 7.31
C THR G 43 -7.62 26.11 8.33
N VAL G 44 -7.00 25.11 8.93
CA VAL G 44 -6.02 25.31 10.00
C VAL G 44 -4.72 25.97 9.54
N ALA G 45 -4.11 25.46 8.48
CA ALA G 45 -2.87 26.02 7.94
C ALA G 45 -3.05 27.47 7.49
N GLY G 46 -4.18 27.72 6.84
CA GLY G 46 -4.53 29.05 6.40
C GLY G 46 -4.67 30.07 7.51
N SER G 47 -5.09 29.61 8.69
CA SER G 47 -5.31 30.53 9.82
C SER G 47 -4.10 30.74 10.70
N ARG G 48 -3.04 29.98 10.48
CA ARG G 48 -1.81 30.12 11.24
C ARG G 48 -1.32 31.57 11.13
N PRO G 49 -0.86 32.16 12.25
CA PRO G 49 -0.41 33.55 12.26
C PRO G 49 0.75 33.84 11.29
N GLU G 50 1.60 32.87 11.01
CA GLU G 50 2.60 33.07 9.95
C GLU G 50 2.07 33.00 8.52
N ASN G 51 0.81 32.61 8.34
CA ASN G 51 0.26 32.56 6.98
C ASN G 51 -0.83 33.59 6.67
N VAL G 52 -1.55 34.08 7.68
CA VAL G 52 -2.64 35.02 7.45
C VAL G 52 -2.28 36.16 6.48
N ARG G 53 -1.08 36.73 6.59
CA ARG G 53 -0.74 37.85 5.69
C ARG G 53 -0.63 37.43 4.23
N LYS G 54 -0.60 36.11 4.00
CA LYS G 54 -0.49 35.58 2.64
C LYS G 54 -1.82 35.29 1.98
N ASN G 55 -2.90 35.51 2.71
CA ASN G 55 -4.23 35.45 2.15
C ASN G 55 -4.69 36.83 1.69
N ARG G 56 -5.09 36.92 0.44
CA ARG G 56 -5.75 38.11 -0.10
C ARG G 56 -7.02 38.49 0.69
N TYR G 57 -7.81 37.50 1.07
CA TYR G 57 -9.09 37.74 1.76
C TYR G 57 -9.21 36.94 3.05
N LYS G 58 -9.72 37.59 4.09
CA LYS G 58 -9.91 36.93 5.38
C LYS G 58 -10.92 35.78 5.35
N ASP G 59 -11.90 35.86 4.47
CA ASP G 59 -12.93 34.79 4.40
C ASP G 59 -12.69 33.74 3.31
N VAL G 60 -11.47 33.68 2.79
CA VAL G 60 -11.11 32.70 1.76
C VAL G 60 -9.82 32.00 2.12
N LEU G 61 -9.95 30.83 2.73
CA LEU G 61 -8.80 30.05 3.12
C LEU G 61 -8.87 28.72 2.40
N PRO G 62 -7.71 28.17 2.01
CA PRO G 62 -7.64 26.85 1.37
C PRO G 62 -7.97 25.72 2.36
N TYR G 63 -8.67 24.68 1.91
CA TYR G 63 -8.88 23.48 2.73
C TYR G 63 -7.56 22.71 3.00
N ASP G 64 -7.34 22.31 4.24
CA ASP G 64 -6.19 21.51 4.58
C ASP G 64 -6.06 20.25 3.75
N GLN G 65 -7.20 19.66 3.43
CA GLN G 65 -7.26 18.33 2.81
C GLN G 65 -6.60 18.25 1.42
N THR G 66 -6.66 19.36 0.68
CA THR G 66 -6.22 19.39 -0.70
C THR G 66 -5.32 20.59 -1.02
N ARG G 67 -4.75 21.24 0.01
CA ARG G 67 -3.95 22.42 -0.23
C ARG G 67 -2.62 22.14 -0.94
N VAL G 68 -2.21 23.08 -1.76
CA VAL G 68 -0.95 22.98 -2.45
C VAL G 68 0.15 23.16 -1.41
N ILE G 69 1.05 22.23 -1.34
CA ILE G 69 2.14 22.31 -0.41
C ILE G 69 3.46 22.53 -1.15
N LEU G 70 4.22 23.50 -0.74
CA LEU G 70 5.36 23.95 -1.46
C LEU G 70 6.61 23.53 -0.78
N SER G 71 7.45 22.83 -1.50
CA SER G 71 8.67 22.34 -0.92
C SER G 71 9.90 22.84 -1.58
N LEU G 72 9.77 23.67 -2.59
CA LEU G 72 10.89 24.14 -3.34
C LEU G 72 11.43 25.32 -2.68
N LEU G 73 12.72 25.36 -2.40
CA LEU G 73 13.34 26.45 -1.66
C LEU G 73 13.10 26.33 -0.19
N GLN G 74 12.65 25.16 0.20
CA GLN G 74 12.29 24.93 1.55
C GLN G 74 13.58 24.79 2.36
N GLU G 75 14.59 24.16 1.80
CA GLU G 75 15.85 24.02 2.49
C GLU G 75 16.42 25.37 2.83
N GLU G 76 15.81 26.42 2.32
CA GLU G 76 16.24 27.75 2.62
C GLU G 76 15.29 28.40 3.59
N HIS G 78 11.97 28.95 3.34
CA HIS G 78 10.71 29.14 2.63
C HIS G 78 9.57 28.31 3.17
N SER G 79 8.48 28.99 3.46
CA SER G 79 7.28 28.38 3.94
C SER G 79 6.70 27.46 2.89
N ASP G 80 5.95 26.49 3.34
CA ASP G 80 5.19 25.65 2.47
C ASP G 80 3.82 26.16 2.01
N TYR G 81 3.45 27.37 2.41
CA TYR G 81 2.10 27.89 2.22
C TYR G 81 1.82 28.85 1.07
N ILE G 82 0.78 28.54 0.34
CA ILE G 82 0.14 29.40 -0.62
C ILE G 82 -1.37 29.23 -0.51
N ASN G 83 -2.15 30.25 -0.74
CA ASN G 83 -3.58 30.11 -0.78
C ASN G 83 -3.94 29.48 -2.11
N GLY G 84 -4.03 28.16 -2.11
CA GLY G 84 -4.36 27.39 -3.31
C GLY G 84 -4.61 25.93 -3.01
N ASN G 85 -5.38 25.29 -3.89
CA ASN G 85 -5.75 23.88 -3.72
C ASN G 85 -5.64 23.06 -5.00
N PHE G 86 -5.32 21.78 -4.86
CA PHE G 86 -5.39 20.87 -6.00
C PHE G 86 -6.86 20.50 -6.26
N ILE G 87 -7.23 20.39 -7.52
CA ILE G 87 -8.53 19.83 -7.86
C ILE G 87 -8.27 18.59 -8.72
N ARG G 88 -8.90 17.47 -8.37
CA ARG G 88 -8.73 16.26 -9.16
C ARG G 88 -9.44 16.36 -10.50
N GLY G 89 -8.85 15.72 -11.50
CA GLY G 89 -9.35 15.74 -12.86
C GLY G 89 -10.19 14.51 -13.13
N VAL G 90 -10.75 14.42 -14.34
CA VAL G 90 -11.64 13.33 -14.71
C VAL G 90 -11.03 11.94 -14.51
N ASP G 91 -9.73 11.81 -14.77
CA ASP G 91 -9.06 10.53 -14.61
C ASP G 91 -8.61 10.30 -13.17
N GLY G 92 -8.92 11.25 -12.29
CA GLY G 92 -8.58 11.15 -10.88
C GLY G 92 -7.20 11.71 -10.53
N SER G 93 -6.54 12.30 -11.53
CA SER G 93 -5.21 12.87 -11.29
C SER G 93 -5.36 14.31 -10.79
N LEU G 94 -4.27 14.91 -10.35
CA LEU G 94 -4.28 16.32 -9.98
C LEU G 94 -4.25 17.21 -11.23
N ALA G 95 -5.43 17.50 -11.77
CA ALA G 95 -5.56 18.23 -13.04
C ALA G 95 -5.45 19.74 -12.92
N TYR G 96 -5.96 20.31 -11.84
CA TYR G 96 -5.95 21.75 -11.65
C TYR G 96 -5.29 22.16 -10.34
N ILE G 97 -4.77 23.39 -10.33
CA ILE G 97 -4.42 24.07 -9.10
C ILE G 97 -5.23 25.33 -9.11
N ALA G 98 -6.12 25.49 -8.15
CA ALA G 98 -6.95 26.68 -8.08
C ALA G 98 -6.35 27.56 -7.01
N THR G 99 -5.93 28.77 -7.39
CA THR G 99 -5.19 29.64 -6.46
C THR G 99 -5.67 31.09 -6.58
N GLN G 100 -5.45 31.91 -5.55
CA GLN G 100 -5.80 33.34 -5.58
C GLN G 100 -4.84 34.17 -6.45
N GLY G 101 -5.28 35.38 -6.83
CA GLY G 101 -4.39 36.32 -7.51
C GLY G 101 -3.28 36.74 -6.56
N PRO G 102 -2.01 36.46 -6.94
CA PRO G 102 -0.91 36.67 -6.01
C PRO G 102 -0.89 38.09 -5.48
N LEU G 103 -0.43 38.23 -4.25
CA LEU G 103 -0.13 39.56 -3.67
C LEU G 103 1.32 40.01 -3.97
N PRO G 104 1.63 41.28 -3.72
CA PRO G 104 3.01 41.71 -4.00
C PRO G 104 4.05 40.81 -3.30
N HIS G 105 3.77 40.47 -2.04
CA HIS G 105 4.66 39.61 -1.27
C HIS G 105 4.39 38.11 -1.47
N THR G 106 3.44 37.71 -2.31
CA THR G 106 3.36 36.28 -2.65
C THR G 106 3.72 35.94 -4.09
N LEU G 107 4.24 36.90 -4.85
CA LEU G 107 4.71 36.66 -6.21
C LEU G 107 5.70 35.52 -6.32
N LEU G 108 6.68 35.52 -5.41
CA LEU G 108 7.69 34.46 -5.37
C LEU G 108 7.05 33.09 -5.11
N ASP G 109 6.11 33.04 -4.18
CA ASP G 109 5.42 31.78 -3.87
C ASP G 109 4.64 31.29 -5.09
N PHE G 110 4.10 32.23 -5.84
CA PHE G 110 3.37 31.86 -7.02
C PHE G 110 4.28 31.19 -8.06
N TRP G 111 5.46 31.76 -8.30
CA TRP G 111 6.42 31.13 -9.19
C TRP G 111 7.07 29.86 -8.59
N ARG G 112 7.22 29.77 -7.27
CA ARG G 112 7.61 28.49 -6.67
C ARG G 112 6.61 27.41 -7.06
N LEU G 113 5.32 27.73 -6.93
CA LEU G 113 4.24 26.81 -7.34
C LEU G 113 4.37 26.40 -8.80
N VAL G 114 4.44 27.38 -9.69
CA VAL G 114 4.55 27.11 -11.12
C VAL G 114 5.74 26.21 -11.43
N TRP G 115 6.86 26.49 -10.79
CA TRP G 115 8.10 25.76 -11.06
C TRP G 115 8.05 24.37 -10.51
N GLU G 116 7.72 24.24 -9.23
CA GLU G 116 7.72 22.93 -8.56
C GLU G 116 6.80 21.89 -9.24
N PHE G 117 5.65 22.33 -9.71
CA PHE G 117 4.67 21.41 -10.29
C PHE G 117 4.68 21.35 -11.82
N GLY G 118 5.71 21.91 -12.42
CA GLY G 118 5.92 21.82 -13.85
C GLY G 118 4.80 22.42 -14.67
N VAL G 119 4.15 23.45 -14.12
CA VAL G 119 3.04 24.10 -14.79
C VAL G 119 3.42 24.64 -16.17
N LYS G 120 2.57 24.37 -17.17
CA LYS G 120 2.82 24.86 -18.52
C LYS G 120 1.86 25.97 -18.92
N VAL G 121 0.65 25.91 -18.38
CA VAL G 121 -0.39 26.84 -18.80
C VAL G 121 -1.05 27.45 -17.57
N ILE G 122 -1.10 28.77 -17.55
CA ILE G 122 -1.79 29.47 -16.49
C ILE G 122 -3.07 30.10 -17.04
N LEU G 123 -4.20 29.88 -16.38
CA LEU G 123 -5.41 30.57 -16.78
C LEU G 123 -5.80 31.63 -15.77
N MET G 124 -5.94 32.87 -16.24
CA MET G 124 -6.30 33.98 -15.38
C MET G 124 -7.69 34.48 -15.79
N ALA G 125 -8.62 34.56 -14.84
CA ALA G 125 -10.01 34.97 -15.15
C ALA G 125 -10.40 36.34 -14.56
N CYS G 126 -9.44 37.10 -14.07
CA CYS G 126 -9.70 38.43 -13.54
C CYS G 126 -8.71 39.46 -14.12
N ARG G 127 -8.87 40.72 -13.70
CA ARG G 127 -8.00 41.84 -14.09
C ARG G 127 -7.27 42.34 -12.87
N GLU G 128 -6.14 43.01 -13.03
CA GLU G 128 -5.44 43.57 -11.88
C GLU G 128 -6.26 44.54 -11.04
N ILE G 129 -7.03 45.36 -11.72
CA ILE G 129 -7.82 46.34 -11.08
C ILE G 129 -9.25 46.13 -11.45
N GLU G 130 -10.07 45.87 -10.46
CA GLU G 130 -11.44 45.60 -10.73
C GLU G 130 -12.42 46.67 -10.40
N ASN G 131 -12.66 47.02 -9.15
CA ASN G 131 -13.68 48.05 -8.87
C ASN G 131 -13.05 49.28 -8.30
N GLY G 132 -12.06 49.79 -9.01
CA GLY G 132 -11.14 50.70 -8.40
C GLY G 132 -10.22 49.95 -7.50
N ARG G 133 -10.30 48.64 -7.48
CA ARG G 133 -9.52 47.85 -6.55
C ARG G 133 -8.48 46.94 -7.14
N LYS G 134 -7.31 46.96 -6.54
CA LYS G 134 -6.24 46.08 -6.93
C LYS G 134 -6.59 44.67 -6.54
N ARG G 135 -6.64 43.80 -7.51
CA ARG G 135 -7.19 42.48 -7.29
C ARG G 135 -6.28 41.38 -7.67
N CYS G 136 -5.11 41.72 -8.14
CA CYS G 136 -4.15 40.76 -8.54
C CYS G 136 -2.96 41.54 -8.85
N GLU G 137 -1.80 41.02 -8.54
CA GLU G 137 -0.57 41.60 -8.98
C GLU G 137 -0.13 41.07 -10.30
N ARG G 138 0.41 41.91 -11.12
CA ARG G 138 0.98 41.39 -12.35
C ARG G 138 2.14 40.48 -11.93
N TYR G 139 2.06 39.22 -12.32
CA TYR G 139 3.12 38.29 -12.03
C TYR G 139 3.85 37.92 -13.33
N TRP G 140 3.44 38.48 -14.47
CA TRP G 140 4.03 38.13 -15.75
C TRP G 140 4.95 39.24 -16.21
N ALA G 141 5.80 38.99 -17.15
CA ALA G 141 6.66 40.03 -17.64
C ALA G 141 6.06 40.89 -18.73
N GLN G 142 6.56 42.10 -18.88
CA GLN G 142 6.21 42.92 -20.02
C GLN G 142 7.39 43.08 -20.97
N GLU G 143 7.13 43.75 -22.07
CA GLU G 143 8.16 43.99 -23.04
C GLU G 143 8.89 45.16 -22.51
N GLN G 144 10.20 45.12 -22.45
CA GLN G 144 11.02 46.16 -21.80
C GLN G 144 11.16 45.93 -20.33
N GLU G 145 10.29 45.15 -19.74
CA GLU G 145 10.41 44.87 -18.31
C GLU G 145 10.26 43.40 -18.03
N PRO G 146 11.46 42.70 -17.93
CA PRO G 146 11.30 41.38 -17.36
C PRO G 146 11.08 41.50 -15.87
N LEU G 147 10.56 40.44 -15.29
CA LEU G 147 10.18 40.41 -13.91
C LEU G 147 11.02 39.45 -13.11
N GLN G 148 11.58 39.91 -12.01
CA GLN G 148 12.37 39.11 -11.13
C GLN G 148 11.73 38.98 -9.79
N THR G 149 11.54 37.77 -9.32
CA THR G 149 11.21 37.52 -7.94
C THR G 149 12.15 36.49 -7.44
N GLY G 150 12.81 36.79 -6.34
CA GLY G 150 13.86 35.92 -5.85
C GLY G 150 14.82 35.50 -6.93
N LEU G 151 14.81 34.23 -7.28
CA LEU G 151 15.76 33.70 -8.22
C LEU G 151 15.17 33.36 -9.56
N PHE G 152 13.93 33.69 -9.77
CA PHE G 152 13.28 33.43 -11.03
C PHE G 152 13.37 34.67 -11.82
N CYS G 153 13.62 34.51 -13.11
CA CYS G 153 13.57 35.62 -14.00
C CYS G 153 12.46 35.31 -14.93
N ILE G 154 11.49 36.19 -14.97
CA ILE G 154 10.39 35.99 -15.88
C ILE G 154 10.52 36.95 -17.05
N THR G 155 10.49 36.38 -18.25
CA THR G 155 10.64 37.09 -19.49
C THR G 155 9.47 36.94 -20.42
N LEU G 156 9.00 38.03 -20.99
CA LEU G 156 7.91 38.01 -21.93
C LEU G 156 8.38 37.83 -23.33
N ILE G 157 8.10 36.70 -23.91
CA ILE G 157 8.48 36.41 -25.25
C ILE G 157 7.54 37.00 -26.26
N LYS G 158 6.24 36.85 -26.08
CA LYS G 158 5.29 37.06 -27.14
C LYS G 158 3.89 37.25 -26.63
N GLU G 159 3.22 38.27 -27.11
CA GLU G 159 1.86 38.55 -26.68
C GLU G 159 0.95 38.67 -27.87
N LYS G 160 -0.22 38.08 -27.82
CA LYS G 160 -1.21 38.23 -28.88
C LYS G 160 -2.54 37.92 -28.33
N TRP G 161 -3.59 38.38 -28.98
CA TRP G 161 -4.95 38.06 -28.55
C TRP G 161 -5.37 36.74 -29.18
N LEU G 162 -5.90 35.84 -28.35
CA LEU G 162 -6.49 34.60 -28.84
C LEU G 162 -7.76 35.04 -29.55
N ASN G 163 -8.47 35.94 -28.90
CA ASN G 163 -9.62 36.59 -29.49
C ASN G 163 -9.78 37.90 -28.75
N GLU G 164 -10.91 38.56 -28.89
CA GLU G 164 -11.03 39.93 -28.40
C GLU G 164 -11.03 40.03 -26.89
N ASP G 165 -11.32 38.91 -26.23
CA ASP G 165 -11.45 38.90 -24.79
C ASP G 165 -10.25 38.28 -24.07
N ILE G 166 -9.42 37.58 -24.82
CA ILE G 166 -8.34 36.81 -24.21
C ILE G 166 -6.93 37.12 -24.73
N MET G 167 -6.03 37.45 -23.81
CA MET G 167 -4.65 37.71 -24.16
C MET G 167 -3.84 36.43 -23.92
N LEU G 168 -3.03 36.08 -24.90
CA LEU G 168 -2.15 34.93 -24.83
C LEU G 168 -0.70 35.41 -24.76
N ARG G 169 -0.08 35.22 -23.60
CA ARG G 169 1.28 35.64 -23.37
C ARG G 169 2.19 34.42 -23.36
N THR G 170 3.24 34.46 -24.18
CA THR G 170 4.26 33.41 -24.13
C THR G 170 5.40 33.87 -23.21
N LEU G 171 5.57 33.21 -22.07
CA LEU G 171 6.57 33.63 -21.10
C LEU G 171 7.69 32.63 -21.07
N LYS G 172 8.87 33.10 -20.69
CA LYS G 172 9.98 32.22 -20.34
C LYS G 172 10.27 32.47 -18.87
N VAL G 173 10.45 31.39 -18.12
CA VAL G 173 10.88 31.50 -16.73
C VAL G 173 12.20 30.74 -16.58
N THR G 174 13.17 31.39 -15.95
CA THR G 174 14.46 30.74 -15.75
C THR G 174 14.78 30.73 -14.27
N PHE G 175 15.31 29.60 -13.82
CA PHE G 175 15.58 29.39 -12.42
C PHE G 175 16.82 28.50 -12.36
N GLN G 176 17.87 29.01 -11.71
CA GLN G 176 19.13 28.27 -11.58
C GLN G 176 19.55 27.59 -12.89
N LYS G 177 19.73 28.38 -13.95
CA LYS G 177 20.24 27.88 -15.23
C LYS G 177 19.29 27.01 -16.07
N GLU G 178 18.15 26.59 -15.51
CA GLU G 178 17.17 25.86 -16.30
C GLU G 178 16.14 26.84 -16.86
N SER G 179 15.62 26.55 -18.05
CA SER G 179 14.66 27.45 -18.69
C SER G 179 13.41 26.68 -19.10
N ARG G 180 12.28 27.37 -19.04
CA ARG G 180 11.01 26.76 -19.43
C ARG G 180 10.06 27.77 -20.02
N SER G 181 9.23 27.29 -20.92
CA SER G 181 8.17 28.11 -21.46
C SER G 181 6.91 27.94 -20.62
N VAL G 182 6.25 29.05 -20.31
CA VAL G 182 4.98 29.01 -19.60
C VAL G 182 4.01 29.88 -20.38
N TYR G 183 2.82 29.36 -20.67
CA TYR G 183 1.80 30.15 -21.36
C TYR G 183 0.74 30.68 -20.39
N GLN G 184 0.41 31.96 -20.52
CA GLN G 184 -0.64 32.55 -19.69
C GLN G 184 -1.78 33.03 -20.57
N LEU G 185 -2.99 32.55 -20.30
CA LEU G 185 -4.17 33.05 -20.97
C LEU G 185 -4.93 33.93 -19.97
N GLN G 186 -5.22 35.17 -20.33
CA GLN G 186 -5.99 36.06 -19.46
C GLN G 186 -7.33 36.48 -20.07
N TYR G 187 -8.40 36.21 -19.34
CA TYR G 187 -9.73 36.61 -19.74
C TYR G 187 -10.07 37.96 -19.13
N MET G 188 -10.40 38.91 -19.98
CA MET G 188 -10.39 40.31 -19.63
C MET G 188 -11.65 40.85 -19.07
N SER G 189 -12.76 40.27 -19.45
CA SER G 189 -14.04 40.82 -19.04
C SER G 189 -14.92 39.76 -18.45
N TRP G 190 -14.50 39.25 -17.31
CA TRP G 190 -15.32 38.37 -16.55
C TRP G 190 -15.37 38.91 -15.17
N PRO G 191 -16.55 39.57 -14.85
CA PRO G 191 -16.64 40.01 -13.46
C PRO G 191 -16.85 38.94 -12.41
N ASP G 192 -16.42 39.29 -11.24
CA ASP G 192 -16.84 38.73 -10.00
C ASP G 192 -18.29 38.40 -9.82
N ARG G 193 -18.57 37.17 -9.47
CA ARG G 193 -19.90 36.72 -9.18
C ARG G 193 -20.72 36.59 -10.41
N GLY G 194 -20.19 37.07 -11.49
CA GLY G 194 -20.88 37.07 -12.75
C GLY G 194 -20.31 36.12 -13.75
N VAL G 195 -20.71 36.32 -14.96
CA VAL G 195 -20.38 35.42 -16.02
C VAL G 195 -19.78 36.20 -17.16
N PRO G 196 -18.98 35.47 -18.03
CA PRO G 196 -18.42 36.25 -19.14
C PRO G 196 -19.31 36.55 -20.34
N SER G 198 -18.85 36.70 -23.45
CA SER G 198 -18.77 35.54 -24.32
C SER G 198 -18.57 34.17 -23.68
N PRO G 199 -19.71 33.38 -23.51
CA PRO G 199 -19.44 31.98 -23.23
C PRO G 199 -18.64 31.24 -24.28
N ASP G 200 -18.58 31.77 -25.49
CA ASP G 200 -17.93 31.12 -26.57
C ASP G 200 -16.42 31.30 -26.51
N HIS G 201 -16.05 32.45 -26.01
CA HIS G 201 -14.69 32.84 -25.83
C HIS G 201 -14.07 32.13 -24.68
N MET G 202 -14.88 31.86 -23.68
CA MET G 202 -14.50 31.07 -22.55
C MET G 202 -14.10 29.68 -22.96
N LEU G 203 -14.84 29.13 -23.90
CA LEU G 203 -14.54 27.80 -24.39
C LEU G 203 -13.29 27.73 -25.23
N ALA G 204 -13.07 28.72 -26.06
CA ALA G 204 -11.86 28.81 -26.80
C ALA G 204 -10.66 28.93 -25.87
N MET G 205 -10.87 29.47 -24.67
CA MET G 205 -9.78 29.61 -23.75
C MET G 205 -9.40 28.28 -23.26
N VAL G 206 -10.40 27.49 -23.02
CA VAL G 206 -10.19 26.14 -22.55
C VAL G 206 -9.55 25.29 -23.65
N GLU G 207 -9.93 25.55 -24.88
CA GLU G 207 -9.50 24.80 -26.03
C GLU G 207 -8.07 25.14 -26.31
N GLU G 208 -7.75 26.41 -26.22
CA GLU G 208 -6.36 26.83 -26.38
C GLU G 208 -5.48 26.31 -25.25
N ALA G 209 -5.99 26.34 -24.03
CA ALA G 209 -5.20 25.89 -22.90
C ALA G 209 -4.82 24.44 -23.11
N ARG G 210 -5.80 23.67 -23.56
CA ARG G 210 -5.58 22.25 -23.82
C ARG G 210 -4.57 21.98 -24.93
N ARG G 211 -4.53 22.83 -25.93
CA ARG G 211 -3.60 22.70 -26.98
C ARG G 211 -2.22 23.05 -26.51
N LEU G 212 -2.10 24.09 -25.72
CA LEU G 212 -0.80 24.55 -25.27
C LEU G 212 -0.22 23.60 -24.29
N GLN G 213 -1.07 22.88 -23.62
CA GLN G 213 -0.64 21.97 -22.62
C GLN G 213 0.05 20.72 -23.15
N GLY G 214 -0.30 20.28 -24.35
CA GLY G 214 0.36 19.16 -24.98
C GLY G 214 0.03 17.87 -24.30
N SER G 215 0.95 16.92 -24.25
CA SER G 215 0.75 15.77 -23.39
C SER G 215 1.10 16.22 -22.01
N GLY G 216 1.21 15.28 -21.09
CA GLY G 216 1.87 15.55 -19.85
C GLY G 216 1.04 15.58 -18.60
N PRO G 217 1.67 15.02 -17.48
CA PRO G 217 0.83 14.95 -16.29
C PRO G 217 0.58 16.27 -15.54
N GLU G 218 1.52 17.21 -15.58
CA GLU G 218 1.41 18.50 -14.96
C GLU G 218 0.06 19.18 -15.09
N PRO G 219 -0.41 19.80 -13.91
CA PRO G 219 -1.75 20.39 -14.06
C PRO G 219 -1.88 21.82 -14.57
N LEU G 220 -3.06 22.19 -14.93
CA LEU G 220 -3.28 23.58 -15.31
C LEU G 220 -3.33 24.39 -14.03
N CYS G 221 -2.75 25.58 -14.04
CA CYS G 221 -2.89 26.49 -12.91
C CYS G 221 -4.03 27.44 -13.25
N VAL G 222 -5.03 27.51 -12.38
CA VAL G 222 -6.19 28.38 -12.68
C VAL G 222 -6.46 29.35 -11.55
N HIS G 223 -6.63 30.62 -11.88
CA HIS G 223 -6.87 31.62 -10.84
C HIS G 223 -7.69 32.80 -11.29
N SER G 224 -8.14 33.55 -10.30
CA SER G 224 -8.94 34.73 -10.46
C SER G 224 -8.43 35.58 -9.30
N SER G 225 -9.28 36.36 -8.65
CA SER G 225 -8.79 37.22 -7.57
C SER G 225 -8.71 36.41 -6.25
N ALA G 226 -9.83 35.79 -5.89
CA ALA G 226 -9.89 34.93 -4.71
C ALA G 226 -9.57 33.46 -5.06
N GLY G 227 -9.66 33.10 -6.31
CA GLY G 227 -9.45 31.72 -6.66
C GLY G 227 -10.68 30.89 -6.35
N CYS G 228 -11.88 31.50 -6.40
CA CYS G 228 -13.11 30.78 -6.10
C CYS G 228 -14.05 30.72 -7.29
N GLY G 229 -14.93 31.72 -7.38
CA GLY G 229 -16.00 31.68 -8.36
C GLY G 229 -15.56 31.51 -9.79
N ARG G 230 -14.76 32.45 -10.30
CA ARG G 230 -14.38 32.39 -11.71
C ARG G 230 -13.39 31.28 -11.98
N THR G 231 -12.61 30.95 -10.96
CA THR G 231 -11.71 29.82 -11.06
C THR G 231 -12.48 28.50 -11.18
N GLY G 232 -13.42 28.30 -10.24
CA GLY G 232 -14.27 27.12 -10.21
C GLY G 232 -15.06 26.88 -11.49
N VAL G 233 -15.60 27.94 -12.08
CA VAL G 233 -16.29 27.82 -13.35
C VAL G 233 -15.36 27.30 -14.46
N LEU G 234 -14.16 27.87 -14.57
CA LEU G 234 -13.21 27.40 -15.59
C LEU G 234 -12.90 25.91 -15.42
N CYS G 235 -12.60 25.51 -14.21
CA CYS G 235 -12.22 24.13 -13.94
C CYS G 235 -13.34 23.21 -14.30
N THR G 236 -14.55 23.64 -13.99
CA THR G 236 -15.70 22.80 -14.18
C THR G 236 -15.98 22.64 -15.68
N VAL G 237 -15.89 23.76 -16.39
CA VAL G 237 -16.05 23.70 -17.83
C VAL G 237 -15.00 22.81 -18.47
N ASP G 238 -13.75 22.90 -18.05
CA ASP G 238 -12.70 22.06 -18.66
C ASP G 238 -12.88 20.59 -18.30
N TYR G 239 -13.23 20.35 -17.04
CA TYR G 239 -13.51 19.02 -16.53
C TYR G 239 -14.63 18.32 -17.34
N VAL G 240 -15.76 18.99 -17.51
CA VAL G 240 -16.84 18.43 -18.25
C VAL G 240 -16.47 18.18 -19.72
N ARG G 241 -15.71 19.07 -20.33
CA ARG G 241 -15.18 18.91 -21.67
C ARG G 241 -14.35 17.67 -21.83
N GLN G 242 -13.46 17.43 -20.89
CA GLN G 242 -12.61 16.29 -20.97
C GLN G 242 -13.43 15.07 -20.92
N LEU G 243 -14.39 15.03 -20.02
CA LEU G 243 -15.29 13.91 -19.88
C LEU G 243 -15.92 13.57 -21.20
N LEU G 244 -16.38 14.58 -21.88
CA LEU G 244 -17.06 14.42 -23.13
C LEU G 244 -16.11 14.07 -24.24
N LEU G 245 -15.02 14.80 -24.39
CA LEU G 245 -14.04 14.45 -25.38
C LEU G 245 -13.46 13.09 -25.18
N THR G 246 -13.59 12.57 -24.00
CA THR G 246 -12.95 11.34 -23.63
C THR G 246 -14.01 10.24 -23.56
N GLN G 247 -15.26 10.59 -23.84
CA GLN G 247 -16.38 9.69 -23.75
C GLN G 247 -16.49 8.88 -22.43
N MET G 248 -15.96 9.45 -21.37
CA MET G 248 -15.99 8.85 -20.05
C MET G 248 -17.20 9.29 -19.29
N ILE G 249 -18.12 9.89 -20.00
CA ILE G 249 -19.36 10.36 -19.48
C ILE G 249 -20.25 9.38 -18.72
N PRO G 250 -20.33 9.58 -17.32
CA PRO G 250 -21.17 8.59 -16.63
C PRO G 250 -22.62 8.57 -17.04
N PRO G 251 -23.23 7.33 -16.85
CA PRO G 251 -24.63 7.29 -17.27
C PRO G 251 -25.66 7.98 -16.34
N ASP G 252 -25.30 8.28 -15.10
CA ASP G 252 -26.11 9.07 -14.18
C ASP G 252 -25.45 10.41 -13.90
N PHE G 253 -24.78 10.93 -14.92
CA PHE G 253 -24.00 12.14 -14.81
C PHE G 253 -24.83 13.26 -14.26
N SER G 254 -24.24 13.94 -13.34
CA SER G 254 -24.83 15.07 -12.67
C SER G 254 -23.90 16.28 -12.50
N LEU G 255 -24.40 17.43 -12.92
CA LEU G 255 -23.67 18.67 -12.75
C LEU G 255 -23.64 19.02 -11.26
N PHE G 256 -24.74 18.74 -10.59
CA PHE G 256 -24.82 18.90 -9.16
C PHE G 256 -23.68 18.16 -8.44
N ASP G 257 -23.43 16.90 -8.80
CA ASP G 257 -22.31 16.17 -8.20
C ASP G 257 -20.92 16.75 -8.58
N VAL G 258 -20.79 17.26 -9.80
CA VAL G 258 -19.52 17.75 -10.26
C VAL G 258 -19.18 18.99 -9.45
N VAL G 259 -20.12 19.91 -9.36
CA VAL G 259 -19.89 21.14 -8.60
C VAL G 259 -19.68 20.86 -7.10
N LEU G 260 -20.41 19.89 -6.57
CA LEU G 260 -20.18 19.43 -5.20
C LEU G 260 -18.74 18.97 -5.03
N LYS G 261 -18.31 18.07 -5.90
CA LYS G 261 -16.93 17.58 -5.87
C LYS G 261 -15.91 18.75 -5.92
N MET G 262 -16.14 19.74 -6.79
CA MET G 262 -15.23 20.89 -6.91
C MET G 262 -15.16 21.70 -5.61
N ARG G 263 -16.33 21.94 -5.02
CA ARG G 263 -16.43 22.70 -3.78
C ARG G 263 -15.87 22.00 -2.57
N LYS G 264 -15.60 20.71 -2.69
CA LYS G 264 -15.01 19.98 -1.57
C LYS G 264 -13.51 20.19 -1.60
N GLN G 265 -12.99 20.56 -2.76
CA GLN G 265 -11.55 20.68 -2.92
C GLN G 265 -11.07 22.14 -2.89
N ARG G 266 -11.90 23.06 -3.37
CA ARG G 266 -11.57 24.49 -3.34
C ARG G 266 -12.81 25.25 -2.89
N PRO G 267 -12.71 25.99 -1.77
CA PRO G 267 -13.88 26.66 -1.22
C PRO G 267 -14.59 27.57 -2.24
N ALA G 268 -15.92 27.52 -2.20
CA ALA G 268 -16.76 28.35 -3.04
C ALA G 268 -16.33 28.30 -4.51
N ALA G 269 -15.90 27.12 -4.96
CA ALA G 269 -15.57 26.93 -6.36
C ALA G 269 -16.91 26.91 -7.06
N VAL G 270 -17.15 27.88 -7.92
CA VAL G 270 -18.54 28.23 -8.32
C VAL G 270 -19.23 28.96 -7.18
N GLN G 271 -19.20 30.29 -7.23
CA GLN G 271 -19.56 31.13 -6.09
C GLN G 271 -21.06 31.46 -5.96
N THR G 272 -21.71 31.76 -7.08
CA THR G 272 -23.06 32.29 -7.06
C THR G 272 -24.03 31.49 -7.90
N GLU G 273 -25.31 31.64 -7.57
CA GLU G 273 -26.37 31.01 -8.34
C GLU G 273 -26.24 31.33 -9.82
N GLU G 274 -25.93 32.59 -10.13
CA GLU G 274 -25.81 33.00 -11.52
C GLU G 274 -24.75 32.19 -12.28
N GLN G 275 -23.65 31.86 -11.61
CA GLN G 275 -22.55 31.17 -12.26
C GLN G 275 -22.91 29.72 -12.44
N TYR G 276 -23.67 29.21 -11.48
CA TYR G 276 -24.19 27.86 -11.58
C TYR G 276 -25.12 27.67 -12.78
N ARG G 277 -26.09 28.56 -12.93
CA ARG G 277 -26.98 28.60 -14.12
C ARG G 277 -26.19 28.67 -15.39
N PHE G 278 -25.17 29.53 -15.37
CA PHE G 278 -24.26 29.69 -16.48
C PHE G 278 -23.53 28.39 -16.83
N LEU G 279 -23.05 27.66 -15.83
CA LEU G 279 -22.49 26.32 -16.04
C LEU G 279 -23.47 25.38 -16.78
N TYR G 280 -24.73 25.40 -16.37
CA TYR G 280 -25.74 24.57 -17.02
C TYR G 280 -25.93 24.94 -18.49
N HIS G 281 -26.05 26.23 -18.77
CA HIS G 281 -26.24 26.71 -20.13
C HIS G 281 -25.06 26.27 -20.99
N THR G 282 -23.86 26.51 -20.49
CA THR G 282 -22.61 26.14 -21.17
C THR G 282 -22.42 24.64 -21.43
N VAL G 283 -22.64 23.79 -20.42
CA VAL G 283 -22.58 22.35 -20.64
C VAL G 283 -23.64 21.91 -21.67
N ALA G 284 -24.88 22.36 -21.47
CA ALA G 284 -25.95 22.02 -22.40
C ALA G 284 -25.50 22.30 -23.82
N GLN G 285 -25.00 23.52 -24.06
CA GLN G 285 -24.54 23.91 -25.38
C GLN G 285 -23.47 22.97 -25.88
N MET G 286 -22.50 22.69 -25.03
CA MET G 286 -21.34 21.88 -25.39
C MET G 286 -21.75 20.46 -25.85
N PHE G 287 -22.81 19.91 -25.25
CA PHE G 287 -23.30 18.58 -25.64
C PHE G 287 -24.05 18.56 -26.97
N CYS G 288 -24.76 19.65 -27.29
CA CYS G 288 -25.47 19.74 -28.55
C CYS G 288 -24.54 19.48 -29.72
N SER G 289 -23.25 19.74 -29.52
CA SER G 289 -22.26 19.61 -30.58
C SER G 289 -21.33 18.43 -30.35
N LEU H 1 -11.60 46.05 1.73
CA LEU H 1 -11.07 45.18 0.70
C LEU H 1 -10.99 43.80 1.23
N GLN H 2 -10.71 43.72 2.52
CA GLN H 2 -10.66 42.50 3.31
C GLN H 2 -11.52 41.23 3.01
N ARG H 3 -12.72 41.36 2.46
CA ARG H 3 -13.64 40.23 2.40
C ARG H 3 -14.19 39.92 1.04
N SER H 5 -16.35 36.90 -0.15
CA SER H 5 -17.59 36.22 -0.48
C SER H 5 -18.32 35.80 0.74
#